data_3E6M
#
_entry.id   3E6M
#
_cell.length_a   75.433
_cell.length_b   93.198
_cell.length_c   101.556
_cell.angle_alpha   90.00
_cell.angle_beta   90.02
_cell.angle_gamma   90.00
#
_symmetry.space_group_name_H-M   'P 1 21 1'
#
loop_
_entity.id
_entity.type
_entity.pdbx_description
1 polymer 'MarR family Transcriptional regulator'
2 water water
#
_entity_poly.entity_id   1
_entity_poly.type   'polypeptide(L)'
_entity_poly.pdbx_seq_one_letter_code
;SNA(MSE)TEARKIPKPSFPYGSPGELNSFLPYLLTRITHIWSSELNQALASEKLPTPKLRLLSSLSAYGELTVGQLATL
GV(MSE)EQSTTSRTVDQLVDEGLAARSISDADQRKRTVVLTRKGKKKLAEISPLINDFHAELVGNVDPDKLQTCIEVLG
EILKGKTDY
;
_entity_poly.pdbx_strand_id   A,B,C,D,E,F,G,H
#
# COMPACT_ATOMS: atom_id res chain seq x y z
N PRO A 11 22.85 -58.70 5.50
CA PRO A 11 23.55 -57.44 5.78
C PRO A 11 22.94 -56.27 4.99
N LYS A 12 21.81 -55.75 5.44
CA LYS A 12 21.05 -54.76 4.67
C LYS A 12 21.96 -53.72 4.02
N PRO A 13 21.52 -53.16 2.89
CA PRO A 13 22.28 -52.11 2.21
C PRO A 13 22.28 -50.85 3.04
N SER A 14 23.44 -50.24 3.21
CA SER A 14 23.54 -48.97 3.91
C SER A 14 24.17 -47.96 2.95
N PHE A 15 23.96 -46.68 3.21
CA PHE A 15 24.59 -45.66 2.42
C PHE A 15 26.11 -45.84 2.55
N PRO A 16 26.86 -45.74 1.44
CA PRO A 16 26.43 -45.52 0.06
C PRO A 16 25.87 -46.80 -0.53
N TYR A 17 24.87 -46.72 -1.39
CA TYR A 17 24.31 -47.94 -1.98
C TYR A 17 25.13 -48.42 -3.18
N GLY A 18 25.11 -49.71 -3.43
CA GLY A 18 26.02 -50.31 -4.40
C GLY A 18 25.45 -50.86 -5.68
N SER A 19 24.15 -50.71 -5.87
CA SER A 19 23.50 -51.01 -7.13
C SER A 19 22.42 -49.98 -7.39
N PRO A 20 21.94 -49.90 -8.64
CA PRO A 20 20.79 -49.06 -9.04
C PRO A 20 19.50 -49.45 -8.33
N GLY A 21 19.41 -50.72 -7.92
CA GLY A 21 18.24 -51.28 -7.28
C GLY A 21 18.14 -51.01 -5.79
N GLU A 22 19.27 -50.77 -5.14
CA GLU A 22 19.33 -50.39 -3.71
C GLU A 22 18.93 -48.94 -3.44
N LEU A 23 19.44 -48.04 -4.28
CA LEU A 23 19.03 -46.64 -4.33
C LEU A 23 17.53 -46.55 -4.55
N ASN A 24 17.00 -47.49 -5.34
CA ASN A 24 15.57 -47.55 -5.62
C ASN A 24 14.71 -47.86 -4.41
N SER A 25 15.35 -48.11 -3.27
CA SER A 25 14.59 -48.48 -2.08
C SER A 25 14.96 -47.53 -0.94
N PHE A 26 15.74 -46.51 -1.27
CA PHE A 26 16.19 -45.50 -0.31
C PHE A 26 15.26 -44.29 -0.39
N LEU A 27 14.41 -44.14 0.64
CA LEU A 27 13.31 -43.18 0.60
C LEU A 27 13.70 -41.76 0.16
N PRO A 28 14.81 -41.22 0.69
CA PRO A 28 15.27 -39.86 0.34
C PRO A 28 15.58 -39.66 -1.14
N TYR A 29 15.94 -40.72 -1.85
CA TYR A 29 16.23 -40.61 -3.28
C TYR A 29 14.92 -40.67 -4.08
N LEU A 30 13.99 -41.49 -3.61
CA LEU A 30 12.69 -41.65 -4.26
C LEU A 30 11.91 -40.37 -4.12
N LEU A 31 11.88 -39.83 -2.91
CA LEU A 31 11.15 -38.60 -2.62
C LEU A 31 11.51 -37.52 -3.63
N THR A 32 12.78 -37.37 -3.92
CA THR A 32 13.22 -36.27 -4.78
C THR A 32 12.96 -36.46 -6.28
N ARG A 33 13.22 -37.65 -6.81
CA ARG A 33 12.92 -37.91 -8.23
C ARG A 33 11.44 -37.68 -8.53
N ILE A 34 10.60 -38.05 -7.58
CA ILE A 34 9.16 -37.92 -7.74
C ILE A 34 8.66 -36.50 -7.55
N THR A 35 9.33 -35.75 -6.69
CA THR A 35 9.00 -34.34 -6.40
C THR A 35 9.51 -33.44 -7.51
N HIS A 36 10.68 -33.75 -8.06
CA HIS A 36 11.16 -33.00 -9.19
C HIS A 36 10.17 -33.22 -10.34
N ILE A 37 9.61 -34.43 -10.39
CA ILE A 37 8.68 -34.81 -11.43
C ILE A 37 7.32 -34.13 -11.29
N TRP A 38 6.77 -34.13 -10.08
CA TRP A 38 5.49 -33.46 -9.87
C TRP A 38 5.64 -31.98 -10.17
N SER A 39 6.64 -31.38 -9.53
CA SER A 39 6.87 -29.95 -9.63
C SER A 39 7.28 -29.51 -11.03
N SER A 40 7.78 -30.43 -11.85
CA SER A 40 8.18 -30.07 -13.19
C SER A 40 7.01 -30.02 -14.17
N GLU A 41 6.18 -31.06 -14.17
CA GLU A 41 5.03 -31.16 -15.04
C GLU A 41 3.93 -30.17 -14.69
N LEU A 42 3.95 -29.67 -13.45
CA LEU A 42 2.91 -28.76 -12.99
C LEU A 42 3.25 -27.29 -13.24
N ASN A 43 4.52 -26.94 -13.15
CA ASN A 43 4.92 -25.56 -13.35
C ASN A 43 4.73 -25.17 -14.81
N GLN A 44 4.87 -26.15 -15.71
CA GLN A 44 4.73 -25.90 -17.13
C GLN A 44 3.33 -26.21 -17.67
N ALA A 45 2.46 -26.77 -16.82
CA ALA A 45 1.04 -26.81 -17.16
C ALA A 45 0.35 -25.62 -16.47
N LEU A 46 0.95 -25.14 -15.39
CA LEU A 46 0.49 -23.92 -14.72
C LEU A 46 0.96 -22.70 -15.48
N ALA A 47 2.06 -22.85 -16.21
CA ALA A 47 2.63 -21.75 -16.97
C ALA A 47 1.56 -21.07 -17.81
N SER A 48 0.62 -21.87 -18.30
CA SER A 48 -0.53 -21.37 -19.07
C SER A 48 -1.34 -20.35 -18.26
N GLU A 49 -1.89 -20.78 -17.13
CA GLU A 49 -2.70 -19.90 -16.29
C GLU A 49 -1.81 -18.83 -15.69
N LYS A 50 -0.50 -19.07 -15.78
CA LYS A 50 0.49 -18.29 -15.05
C LYS A 50 -0.02 -17.88 -13.65
N LEU A 51 -0.57 -18.86 -12.95
CA LEU A 51 -0.74 -18.77 -11.50
C LEU A 51 0.34 -19.70 -11.00
N PRO A 52 1.56 -19.18 -10.96
CA PRO A 52 2.79 -19.93 -10.70
C PRO A 52 2.66 -20.80 -9.45
N THR A 53 3.47 -21.85 -9.39
CA THR A 53 3.63 -22.61 -8.16
C THR A 53 3.77 -21.71 -6.93
N PRO A 54 4.61 -20.65 -7.01
CA PRO A 54 4.66 -19.68 -5.92
C PRO A 54 3.25 -19.33 -5.47
N LYS A 55 2.50 -18.65 -6.33
CA LYS A 55 1.16 -18.23 -5.96
C LYS A 55 0.22 -19.41 -5.67
N LEU A 56 0.51 -20.58 -6.26
CA LEU A 56 -0.35 -21.75 -6.06
C LEU A 56 -0.21 -22.32 -4.65
N ARG A 57 1.04 -22.49 -4.24
CA ARG A 57 1.37 -23.11 -2.97
C ARG A 57 0.69 -22.37 -1.81
N LEU A 58 0.82 -21.05 -1.82
CA LEU A 58 0.34 -20.18 -0.74
C LEU A 58 -1.17 -20.12 -0.60
N LEU A 59 -1.88 -20.07 -1.71
CA LEU A 59 -3.34 -20.10 -1.63
C LEU A 59 -3.77 -21.46 -1.10
N SER A 60 -3.14 -22.51 -1.62
CA SER A 60 -3.41 -23.87 -1.20
C SER A 60 -3.33 -24.07 0.33
N SER A 61 -2.30 -23.47 0.95
CA SER A 61 -2.08 -23.56 2.39
C SER A 61 -3.12 -22.79 3.22
N LEU A 62 -3.42 -21.55 2.80
CA LEU A 62 -4.47 -20.75 3.45
C LEU A 62 -5.85 -21.37 3.26
N SER A 63 -6.04 -22.03 2.11
CA SER A 63 -7.27 -22.75 1.86
C SER A 63 -7.43 -23.90 2.84
N ALA A 64 -6.29 -24.49 3.23
CA ALA A 64 -6.26 -25.64 4.13
C ALA A 64 -6.26 -25.28 5.61
N TYR A 65 -5.48 -24.27 5.99
CA TYR A 65 -5.34 -23.93 7.40
C TYR A 65 -6.15 -22.70 7.82
N GLY A 66 -6.59 -21.93 6.83
CA GLY A 66 -7.49 -20.83 7.09
C GLY A 66 -6.81 -19.48 7.14
N GLU A 67 -6.30 -19.14 8.32
CA GLU A 67 -5.64 -17.87 8.52
C GLU A 67 -4.24 -18.15 9.03
N LEU A 68 -3.23 -17.81 8.24
CA LEU A 68 -1.84 -18.16 8.58
C LEU A 68 -0.94 -16.94 8.67
N THR A 69 0.10 -17.04 9.50
CA THR A 69 1.15 -16.03 9.55
C THR A 69 2.08 -16.25 8.36
N VAL A 70 2.93 -15.28 8.07
CA VAL A 70 3.73 -15.39 6.86
C VAL A 70 4.81 -16.41 7.10
N GLY A 71 5.27 -16.49 8.35
CA GLY A 71 6.26 -17.48 8.73
C GLY A 71 5.70 -18.89 8.54
N GLN A 72 4.45 -19.05 8.91
CA GLN A 72 3.72 -20.30 8.74
C GLN A 72 3.48 -20.65 7.25
N LEU A 73 3.11 -19.67 6.45
CA LEU A 73 2.93 -19.88 5.01
C LEU A 73 4.21 -20.37 4.35
N ALA A 74 5.35 -19.77 4.72
CA ALA A 74 6.64 -20.15 4.15
C ALA A 74 6.96 -21.57 4.54
N THR A 75 6.40 -22.03 5.66
CA THR A 75 6.64 -23.38 6.13
C THR A 75 5.82 -24.39 5.33
N LEU A 76 4.51 -24.40 5.53
CA LEU A 76 3.61 -25.28 4.79
C LEU A 76 3.87 -25.23 3.29
N GLY A 77 4.11 -24.01 2.78
CA GLY A 77 4.35 -23.80 1.37
C GLY A 77 5.78 -24.10 0.89
N VAL A 78 6.63 -24.58 1.79
CA VAL A 78 7.99 -24.99 1.43
C VAL A 78 8.78 -23.83 0.80
N MSE A 79 8.58 -22.62 1.34
CA MSE A 79 9.20 -21.41 0.81
C MSE A 79 10.02 -20.59 1.79
O MSE A 79 9.83 -20.65 3.01
CB MSE A 79 8.12 -20.51 0.21
CG MSE A 79 8.05 -20.59 -1.29
SE MSE A 79 6.28 -20.10 -1.90
CE MSE A 79 6.35 -18.17 -1.60
N GLU A 80 10.92 -19.79 1.24
CA GLU A 80 11.75 -18.90 2.02
C GLU A 80 10.86 -17.81 2.59
N GLN A 81 11.20 -17.29 3.76
CA GLN A 81 10.40 -16.27 4.45
C GLN A 81 10.24 -14.98 3.64
N SER A 82 11.33 -14.48 3.09
CA SER A 82 11.27 -13.25 2.30
C SER A 82 10.42 -13.47 1.06
N THR A 83 10.70 -14.55 0.33
CA THR A 83 10.00 -14.83 -0.91
C THR A 83 8.49 -14.96 -0.67
N THR A 84 8.14 -15.80 0.29
CA THR A 84 6.77 -15.83 0.78
C THR A 84 6.21 -14.41 0.85
N SER A 85 6.77 -13.56 1.71
CA SER A 85 6.21 -12.23 1.92
C SER A 85 6.04 -11.45 0.60
N ARG A 86 6.96 -11.64 -0.33
CA ARG A 86 6.85 -10.97 -1.63
C ARG A 86 5.65 -11.52 -2.37
N THR A 87 5.64 -12.83 -2.54
CA THR A 87 4.49 -13.47 -3.19
C THR A 87 3.18 -13.20 -2.41
N VAL A 88 3.27 -12.83 -1.13
CA VAL A 88 2.07 -12.47 -0.35
C VAL A 88 1.55 -11.07 -0.65
N ASP A 89 2.46 -10.12 -0.84
CA ASP A 89 2.04 -8.75 -1.15
C ASP A 89 1.44 -8.69 -2.55
N GLN A 90 1.88 -9.62 -3.40
CA GLN A 90 1.29 -9.78 -4.71
C GLN A 90 -0.17 -10.19 -4.56
N LEU A 91 -0.39 -11.42 -4.10
CA LEU A 91 -1.75 -11.94 -3.96
C LEU A 91 -2.69 -10.99 -3.24
N VAL A 92 -2.14 -10.15 -2.36
CA VAL A 92 -2.94 -9.11 -1.72
C VAL A 92 -3.28 -8.07 -2.76
N ASP A 93 -2.25 -7.47 -3.36
CA ASP A 93 -2.51 -6.43 -4.37
C ASP A 93 -3.25 -6.95 -5.63
N GLU A 94 -3.14 -8.24 -5.93
CA GLU A 94 -3.91 -8.81 -7.03
C GLU A 94 -5.32 -9.18 -6.57
N GLY A 95 -5.60 -9.00 -5.28
CA GLY A 95 -6.93 -9.21 -4.74
C GLY A 95 -7.29 -10.63 -4.36
N LEU A 96 -6.28 -11.50 -4.28
CA LEU A 96 -6.49 -12.93 -4.05
C LEU A 96 -6.40 -13.33 -2.58
N ALA A 97 -5.76 -12.48 -1.79
CA ALA A 97 -5.69 -12.66 -0.34
C ALA A 97 -5.72 -11.28 0.28
N ALA A 98 -5.95 -11.22 1.59
CA ALA A 98 -5.94 -9.95 2.34
C ALA A 98 -5.25 -10.16 3.69
N ARG A 99 -4.99 -9.06 4.38
CA ARG A 99 -4.33 -9.14 5.68
C ARG A 99 -5.34 -9.01 6.80
N SER A 100 -4.98 -9.52 7.98
CA SER A 100 -5.84 -9.48 9.16
C SER A 100 -5.03 -9.45 10.46
N ILE A 101 -5.56 -10.06 11.52
CA ILE A 101 -4.84 -10.18 12.80
C ILE A 101 -5.37 -11.31 13.69
N ASP A 105 -8.29 -12.65 17.65
CA ASP A 105 -7.31 -13.63 18.11
C ASP A 105 -6.08 -12.99 18.79
N GLN A 106 -4.90 -13.22 18.21
CA GLN A 106 -3.65 -12.63 18.74
C GLN A 106 -3.14 -11.54 17.80
N ARG A 107 -1.94 -11.01 18.06
CA ARG A 107 -1.44 -9.89 17.26
C ARG A 107 0.02 -9.97 16.74
N LYS A 108 0.16 -10.63 15.60
CA LYS A 108 1.23 -10.38 14.61
C LYS A 108 0.51 -10.36 13.25
N ARG A 109 1.26 -10.29 12.15
CA ARG A 109 0.64 -10.06 10.83
C ARG A 109 0.20 -11.30 10.03
N THR A 110 -1.08 -11.69 10.15
CA THR A 110 -1.59 -12.89 9.48
C THR A 110 -2.28 -12.60 8.12
N VAL A 111 -2.38 -13.64 7.28
CA VAL A 111 -2.99 -13.51 5.97
C VAL A 111 -4.23 -14.38 5.89
N VAL A 112 -5.22 -13.96 5.10
CA VAL A 112 -6.42 -14.76 4.85
C VAL A 112 -6.74 -14.87 3.37
N LEU A 113 -7.57 -15.84 3.04
CA LEU A 113 -8.06 -15.98 1.69
C LEU A 113 -9.26 -15.06 1.49
N THR A 114 -9.33 -14.42 0.32
CA THR A 114 -10.53 -13.70 -0.10
C THR A 114 -11.39 -14.53 -1.05
N ARG A 115 -12.63 -14.09 -1.27
CA ARG A 115 -13.51 -14.78 -2.19
C ARG A 115 -12.90 -14.87 -3.59
N LYS A 116 -12.20 -13.82 -4.00
CA LYS A 116 -11.45 -13.83 -5.26
C LYS A 116 -10.50 -15.03 -5.27
N GLY A 117 -9.80 -15.23 -4.16
CA GLY A 117 -8.81 -16.30 -4.04
C GLY A 117 -9.36 -17.71 -4.05
N LYS A 118 -10.49 -17.92 -3.38
CA LYS A 118 -11.19 -19.21 -3.47
C LYS A 118 -11.39 -19.63 -4.92
N LYS A 119 -12.12 -18.80 -5.66
CA LYS A 119 -12.49 -19.06 -7.06
C LYS A 119 -11.26 -19.36 -7.91
N LYS A 120 -10.21 -18.56 -7.74
CA LYS A 120 -8.96 -18.79 -8.47
C LYS A 120 -8.47 -20.22 -8.24
N LEU A 121 -8.43 -20.62 -6.98
CA LEU A 121 -8.10 -21.99 -6.60
C LEU A 121 -9.02 -23.01 -7.29
N ALA A 122 -10.32 -22.84 -7.06
CA ALA A 122 -11.35 -23.70 -7.64
C ALA A 122 -11.15 -23.94 -9.14
N GLU A 123 -10.61 -22.95 -9.83
CA GLU A 123 -10.39 -23.02 -11.27
C GLU A 123 -9.21 -23.91 -11.66
N ILE A 124 -8.14 -23.86 -10.87
CA ILE A 124 -6.93 -24.61 -11.18
C ILE A 124 -7.10 -26.01 -10.63
N SER A 125 -7.86 -26.09 -9.55
CA SER A 125 -8.11 -27.33 -8.87
C SER A 125 -8.30 -28.53 -9.82
N PRO A 126 -9.21 -28.40 -10.82
CA PRO A 126 -9.41 -29.54 -11.72
C PRO A 126 -8.10 -30.05 -12.31
N LEU A 127 -7.14 -29.17 -12.51
CA LEU A 127 -5.90 -29.57 -13.14
C LEU A 127 -5.01 -30.31 -12.15
N ILE A 128 -4.89 -29.75 -10.95
CA ILE A 128 -4.08 -30.36 -9.91
C ILE A 128 -4.50 -31.82 -9.73
N ASN A 129 -5.77 -32.03 -9.40
CA ASN A 129 -6.32 -33.37 -9.23
C ASN A 129 -5.96 -34.31 -10.34
N ASP A 130 -6.23 -33.89 -11.57
CA ASP A 130 -5.96 -34.75 -12.72
C ASP A 130 -4.49 -35.14 -12.80
N PHE A 131 -3.62 -34.26 -12.30
CA PHE A 131 -2.20 -34.59 -12.23
C PHE A 131 -1.92 -35.61 -11.11
N HIS A 132 -2.59 -35.43 -9.97
CA HIS A 132 -2.53 -36.39 -8.88
C HIS A 132 -2.89 -37.80 -9.39
N ALA A 133 -3.97 -37.90 -10.15
CA ALA A 133 -4.45 -39.17 -10.63
C ALA A 133 -3.44 -39.86 -11.54
N GLU A 134 -2.74 -39.06 -12.34
CA GLU A 134 -1.75 -39.61 -13.27
C GLU A 134 -0.52 -39.98 -12.47
N LEU A 135 -0.15 -39.12 -11.53
CA LEU A 135 0.94 -39.41 -10.60
C LEU A 135 0.74 -40.80 -10.00
N VAL A 136 -0.22 -40.90 -9.09
CA VAL A 136 -0.60 -42.17 -8.50
C VAL A 136 -0.80 -43.29 -9.54
N GLY A 137 -1.26 -42.95 -10.74
CA GLY A 137 -1.51 -43.96 -11.75
C GLY A 137 -2.32 -45.12 -11.18
N ASN A 138 -1.87 -46.34 -11.48
CA ASN A 138 -2.64 -47.54 -11.15
C ASN A 138 -2.24 -48.25 -9.86
N VAL A 139 -1.57 -47.55 -8.96
CA VAL A 139 -1.17 -48.14 -7.68
C VAL A 139 -2.39 -48.67 -6.94
N ASP A 140 -2.22 -49.74 -6.16
CA ASP A 140 -3.29 -50.19 -5.30
C ASP A 140 -3.74 -49.05 -4.40
N PRO A 141 -5.04 -48.72 -4.43
CA PRO A 141 -5.59 -47.76 -3.48
C PRO A 141 -5.17 -48.02 -2.03
N ASP A 142 -5.45 -49.20 -1.50
CA ASP A 142 -5.20 -49.47 -0.09
C ASP A 142 -3.72 -49.59 0.25
N LYS A 143 -2.86 -49.55 -0.75
CA LYS A 143 -1.42 -49.49 -0.51
C LYS A 143 -0.95 -48.06 -0.65
N LEU A 144 -1.71 -47.27 -1.39
CA LEU A 144 -1.43 -45.85 -1.51
C LEU A 144 -1.94 -45.14 -0.25
N GLN A 145 -2.75 -45.84 0.55
CA GLN A 145 -3.21 -45.30 1.84
C GLN A 145 -2.13 -45.57 2.87
N THR A 146 -1.56 -46.77 2.81
CA THR A 146 -0.42 -47.13 3.64
C THR A 146 0.72 -46.14 3.41
N CYS A 147 1.04 -45.94 2.13
CA CYS A 147 2.14 -45.05 1.78
C CYS A 147 1.95 -43.64 2.31
N ILE A 148 0.75 -43.09 2.20
CA ILE A 148 0.52 -41.70 2.58
C ILE A 148 0.28 -41.51 4.08
N GLU A 149 0.01 -42.60 4.78
CA GLU A 149 0.01 -42.60 6.26
C GLU A 149 1.45 -42.67 6.79
N VAL A 150 2.27 -43.47 6.12
CA VAL A 150 3.68 -43.56 6.44
C VAL A 150 4.29 -42.17 6.28
N LEU A 151 4.22 -41.63 5.07
CA LEU A 151 4.77 -40.30 4.76
C LEU A 151 4.21 -39.21 5.66
N GLY A 152 2.98 -39.39 6.13
CA GLY A 152 2.36 -38.45 7.04
C GLY A 152 2.90 -38.64 8.44
N GLU A 153 3.18 -39.89 8.81
CA GLU A 153 3.85 -40.16 10.07
C GLU A 153 5.27 -39.61 10.04
N ILE A 154 5.97 -39.82 8.93
CA ILE A 154 7.36 -39.34 8.78
C ILE A 154 7.45 -37.82 8.91
N LEU A 155 6.47 -37.10 8.37
CA LEU A 155 6.54 -35.64 8.41
C LEU A 155 6.15 -35.10 9.80
N LYS A 156 5.45 -35.91 10.58
CA LYS A 156 5.18 -35.57 11.97
C LYS A 156 6.44 -35.66 12.84
N GLY A 157 7.22 -36.73 12.65
CA GLY A 157 8.39 -36.97 13.45
C GLY A 157 9.62 -36.16 13.05
N LYS A 158 9.51 -35.46 11.93
CA LYS A 158 10.63 -34.67 11.44
C LYS A 158 10.29 -33.20 11.47
N THR A 159 9.28 -32.87 12.25
CA THR A 159 8.83 -31.50 12.52
C THR A 159 7.39 -31.49 13.00
N PRO B 13 -13.15 -39.16 -1.29
CA PRO B 13 -13.09 -38.01 -2.19
C PRO B 13 -12.57 -36.80 -1.41
N SER B 14 -11.71 -35.95 -2.00
CA SER B 14 -11.06 -34.97 -1.15
C SER B 14 -10.49 -33.64 -1.69
N PHE B 15 -10.36 -33.42 -3.01
CA PHE B 15 -9.43 -32.34 -3.39
C PHE B 15 -9.51 -31.01 -2.67
N PRO B 16 -10.68 -30.35 -2.70
CA PRO B 16 -10.62 -28.95 -2.27
C PRO B 16 -9.94 -28.89 -0.91
N TYR B 17 -8.63 -28.67 -0.85
CA TYR B 17 -7.95 -28.85 0.44
C TYR B 17 -8.33 -27.72 1.38
N GLY B 18 -9.33 -28.02 2.21
CA GLY B 18 -9.86 -27.08 3.18
C GLY B 18 -9.56 -27.56 4.58
N SER B 19 -8.66 -28.52 4.69
CA SER B 19 -8.27 -29.01 5.99
C SER B 19 -6.84 -29.50 6.01
N PRO B 20 -6.16 -29.34 7.16
CA PRO B 20 -4.83 -29.92 7.31
C PRO B 20 -4.91 -31.40 6.98
N GLY B 21 -5.63 -32.16 7.79
CA GLY B 21 -5.79 -33.59 7.58
C GLY B 21 -5.90 -34.02 6.13
N GLU B 22 -6.53 -33.19 5.30
CA GLU B 22 -6.68 -33.49 3.87
C GLU B 22 -5.42 -33.17 3.09
N LEU B 23 -4.91 -31.96 3.31
CA LEU B 23 -3.64 -31.53 2.74
C LEU B 23 -2.55 -32.55 3.05
N ASN B 24 -2.45 -32.89 4.33
CA ASN B 24 -1.37 -33.73 4.83
C ASN B 24 -1.56 -35.19 4.44
N SER B 25 -2.57 -35.43 3.63
CA SER B 25 -2.85 -36.75 3.07
C SER B 25 -2.79 -36.67 1.55
N PHE B 26 -2.36 -35.51 1.07
CA PHE B 26 -2.14 -35.26 -0.35
C PHE B 26 -0.67 -35.62 -0.65
N LEU B 27 -0.48 -36.69 -1.41
CA LEU B 27 0.85 -37.25 -1.64
C LEU B 27 1.85 -36.21 -2.12
N PRO B 28 1.46 -35.35 -3.07
CA PRO B 28 2.42 -34.35 -3.53
C PRO B 28 2.71 -33.24 -2.50
N TYR B 29 1.91 -33.11 -1.45
CA TYR B 29 2.22 -32.15 -0.38
C TYR B 29 3.20 -32.79 0.59
N LEU B 30 2.98 -34.06 0.92
CA LEU B 30 3.93 -34.77 1.73
C LEU B 30 5.27 -34.85 1.00
N LEU B 31 5.23 -35.35 -0.24
CA LEU B 31 6.43 -35.51 -1.06
C LEU B 31 7.31 -34.27 -1.07
N THR B 32 6.69 -33.10 -1.03
CA THR B 32 7.37 -31.80 -1.10
C THR B 32 7.97 -31.38 0.23
N ARG B 33 7.15 -31.49 1.27
CA ARG B 33 7.56 -31.11 2.61
C ARG B 33 8.71 -31.97 3.07
N ILE B 34 8.60 -33.27 2.82
CA ILE B 34 9.58 -34.23 3.27
C ILE B 34 10.89 -34.07 2.49
N THR B 35 10.78 -33.91 1.18
CA THR B 35 11.97 -33.70 0.36
C THR B 35 12.78 -32.52 0.84
N HIS B 36 12.11 -31.40 1.11
CA HIS B 36 12.79 -30.20 1.57
C HIS B 36 13.52 -30.41 2.90
N ILE B 37 12.89 -31.09 3.84
CA ILE B 37 13.51 -31.34 5.14
C ILE B 37 14.86 -32.05 5.01
N TRP B 38 14.88 -33.13 4.22
CA TRP B 38 16.06 -34.02 4.08
C TRP B 38 17.28 -33.35 3.49
N SER B 39 17.09 -32.63 2.39
CA SER B 39 18.20 -32.04 1.67
C SER B 39 18.75 -30.79 2.35
N SER B 40 17.89 -30.08 3.07
CA SER B 40 18.33 -28.90 3.81
C SER B 40 19.15 -29.33 5.02
N GLU B 41 18.73 -30.42 5.65
CA GLU B 41 19.46 -31.00 6.76
C GLU B 41 20.82 -31.47 6.32
N LEU B 42 20.90 -32.16 5.19
CA LEU B 42 22.16 -32.77 4.82
C LEU B 42 23.11 -31.76 4.23
N ASN B 43 22.60 -30.94 3.32
CA ASN B 43 23.32 -29.78 2.81
C ASN B 43 24.00 -28.99 3.96
N GLN B 44 23.18 -28.69 4.97
CA GLN B 44 23.61 -28.00 6.16
C GLN B 44 24.66 -28.82 6.90
N ALA B 45 24.26 -30.00 7.38
CA ALA B 45 25.16 -30.92 8.07
C ALA B 45 26.52 -31.04 7.40
N LEU B 46 26.52 -31.29 6.09
CA LEU B 46 27.75 -31.56 5.36
C LEU B 46 28.41 -30.30 4.81
N ALA B 47 27.92 -29.15 5.22
CA ALA B 47 28.37 -27.90 4.64
C ALA B 47 29.88 -27.66 4.78
N SER B 48 30.48 -28.27 5.80
CA SER B 48 31.91 -28.12 5.98
C SER B 48 32.67 -29.03 5.02
N GLU B 49 32.05 -30.16 4.66
CA GLU B 49 32.67 -31.08 3.71
C GLU B 49 32.42 -30.56 2.31
N LYS B 50 31.83 -29.36 2.23
CA LYS B 50 31.44 -28.78 0.97
C LYS B 50 30.82 -29.85 0.08
N LEU B 51 29.82 -30.53 0.63
CA LEU B 51 29.03 -31.49 -0.13
C LEU B 51 27.57 -31.13 0.02
N PRO B 52 27.14 -30.08 -0.70
CA PRO B 52 25.74 -29.67 -0.84
C PRO B 52 24.98 -30.75 -1.61
N THR B 53 23.67 -30.85 -1.44
CA THR B 53 22.95 -32.00 -2.00
C THR B 53 23.20 -32.30 -3.49
N PRO B 54 23.60 -31.28 -4.29
CA PRO B 54 23.99 -31.53 -5.69
C PRO B 54 25.19 -32.48 -5.88
N LYS B 55 26.37 -32.07 -5.43
CA LYS B 55 27.58 -32.87 -5.55
C LYS B 55 27.42 -34.25 -4.90
N LEU B 56 26.73 -34.25 -3.77
CA LEU B 56 26.49 -35.44 -3.00
C LEU B 56 25.54 -36.38 -3.74
N ARG B 57 24.51 -35.80 -4.36
CA ARG B 57 23.54 -36.58 -5.15
C ARG B 57 24.21 -37.34 -6.27
N LEU B 58 25.13 -36.67 -6.96
CA LEU B 58 25.79 -37.29 -8.10
C LEU B 58 26.68 -38.42 -7.61
N LEU B 59 27.55 -38.12 -6.66
CA LEU B 59 28.43 -39.12 -6.11
C LEU B 59 27.58 -40.28 -5.61
N SER B 60 26.49 -39.94 -4.94
CA SER B 60 25.62 -40.95 -4.39
C SER B 60 25.27 -41.91 -5.50
N SER B 61 24.88 -41.35 -6.65
CA SER B 61 24.41 -42.09 -7.81
C SER B 61 25.53 -42.86 -8.49
N LEU B 62 26.70 -42.23 -8.56
CA LEU B 62 27.87 -42.87 -9.17
C LEU B 62 28.22 -44.12 -8.39
N SER B 63 28.11 -44.01 -7.07
CA SER B 63 28.27 -45.17 -6.20
C SER B 63 27.30 -46.28 -6.61
N ALA B 64 26.01 -45.93 -6.70
CA ALA B 64 24.97 -46.92 -6.87
C ALA B 64 24.94 -47.45 -8.33
N TYR B 65 25.32 -46.60 -9.28
CA TYR B 65 25.21 -46.95 -10.70
C TYR B 65 26.51 -47.43 -11.33
N GLY B 66 27.60 -46.71 -11.06
CA GLY B 66 28.89 -47.15 -11.53
C GLY B 66 29.52 -46.31 -12.62
N GLU B 67 28.76 -45.98 -13.64
CA GLU B 67 29.33 -45.25 -14.76
C GLU B 67 28.21 -44.66 -15.61
N LEU B 68 28.12 -43.33 -15.59
CA LEU B 68 27.01 -42.63 -16.19
C LEU B 68 27.55 -41.53 -17.06
N THR B 69 26.86 -41.25 -18.17
CA THR B 69 27.22 -40.13 -19.01
C THR B 69 26.95 -38.88 -18.20
N VAL B 70 27.46 -37.75 -18.67
CA VAL B 70 27.09 -36.48 -18.04
C VAL B 70 25.57 -36.38 -18.00
N GLY B 71 24.92 -37.09 -18.93
CA GLY B 71 23.49 -37.03 -19.11
C GLY B 71 22.67 -37.90 -18.16
N GLN B 72 23.17 -39.08 -17.82
CA GLN B 72 22.46 -39.92 -16.87
C GLN B 72 22.63 -39.36 -15.46
N LEU B 73 23.74 -38.68 -15.24
CA LEU B 73 23.94 -37.95 -14.00
C LEU B 73 22.91 -36.82 -13.86
N ALA B 74 22.55 -36.21 -14.99
CA ALA B 74 21.53 -35.16 -15.01
C ALA B 74 20.16 -35.70 -14.57
N THR B 75 19.68 -36.74 -15.25
CA THR B 75 18.41 -37.35 -14.90
C THR B 75 18.38 -37.76 -13.43
N LEU B 76 19.22 -38.72 -13.08
CA LEU B 76 19.30 -39.25 -11.72
C LEU B 76 19.39 -38.17 -10.64
N GLY B 77 20.04 -37.05 -10.98
CA GLY B 77 20.26 -35.96 -10.05
C GLY B 77 19.27 -34.81 -10.21
N VAL B 78 18.26 -35.01 -11.06
CA VAL B 78 17.21 -34.05 -11.31
C VAL B 78 17.76 -32.65 -11.57
N MSE B 79 18.68 -32.57 -12.53
CA MSE B 79 19.29 -31.30 -12.93
C MSE B 79 19.37 -31.16 -14.44
O MSE B 79 18.94 -32.04 -15.20
CB MSE B 79 20.68 -31.12 -12.33
CG MSE B 79 20.72 -30.80 -10.86
SE MSE B 79 22.55 -30.39 -10.29
CE MSE B 79 23.27 -32.20 -10.10
N GLU B 80 19.97 -30.04 -14.84
CA GLU B 80 20.13 -29.65 -16.23
C GLU B 80 21.55 -30.03 -16.64
N GLN B 81 21.72 -30.59 -17.84
CA GLN B 81 23.01 -31.14 -18.26
C GLN B 81 24.20 -30.19 -18.07
N SER B 82 23.91 -28.90 -18.06
CA SER B 82 24.94 -27.88 -17.89
C SER B 82 25.32 -27.74 -16.42
N THR B 83 24.32 -27.57 -15.57
CA THR B 83 24.50 -27.46 -14.14
C THR B 83 25.13 -28.75 -13.61
N THR B 84 24.70 -29.87 -14.17
CA THR B 84 25.27 -31.17 -13.84
C THR B 84 26.71 -31.22 -14.33
N SER B 85 26.91 -30.78 -15.57
CA SER B 85 28.25 -30.76 -16.14
C SER B 85 29.18 -29.94 -15.27
N ARG B 86 28.62 -28.94 -14.59
CA ARG B 86 29.38 -28.10 -13.68
C ARG B 86 29.55 -28.77 -12.32
N THR B 87 28.49 -29.42 -11.84
CA THR B 87 28.57 -30.18 -10.59
C THR B 87 29.61 -31.29 -10.76
N VAL B 88 29.58 -31.93 -11.92
CA VAL B 88 30.56 -32.95 -12.30
C VAL B 88 31.98 -32.40 -12.29
N ASP B 89 32.15 -31.16 -12.71
CA ASP B 89 33.50 -30.58 -12.86
C ASP B 89 34.11 -30.13 -11.52
N GLN B 90 33.26 -29.83 -10.54
CA GLN B 90 33.75 -29.58 -9.18
C GLN B 90 34.32 -30.86 -8.59
N LEU B 91 33.63 -31.98 -8.80
CA LEU B 91 34.00 -33.28 -8.25
C LEU B 91 35.29 -33.83 -8.86
N VAL B 92 35.55 -33.54 -10.13
CA VAL B 92 36.80 -33.95 -10.77
C VAL B 92 37.94 -33.12 -10.23
N ASP B 93 37.62 -31.90 -9.76
CA ASP B 93 38.63 -30.99 -9.25
C ASP B 93 38.77 -31.05 -7.73
N GLU B 94 37.75 -31.57 -7.05
CA GLU B 94 37.84 -31.78 -5.61
C GLU B 94 38.55 -33.11 -5.31
N GLY B 95 38.82 -33.87 -6.36
CA GLY B 95 39.46 -35.15 -6.25
C GLY B 95 38.51 -36.26 -5.85
N LEU B 96 37.35 -36.31 -6.51
CA LEU B 96 36.32 -37.30 -6.16
C LEU B 96 35.71 -38.03 -7.36
N ALA B 97 36.12 -37.67 -8.57
CA ALA B 97 35.56 -38.26 -9.79
C ALA B 97 36.52 -38.11 -10.95
N ALA B 98 36.27 -38.86 -12.03
CA ALA B 98 37.15 -38.84 -13.19
C ALA B 98 36.38 -39.09 -14.47
N ARG B 99 36.59 -38.24 -15.46
CA ARG B 99 35.94 -38.39 -16.77
C ARG B 99 36.63 -39.48 -17.57
N SER B 100 35.85 -40.47 -18.00
CA SER B 100 36.40 -41.67 -18.58
C SER B 100 35.91 -41.96 -20.00
N ILE B 101 35.77 -43.24 -20.31
CA ILE B 101 35.46 -43.69 -21.65
C ILE B 101 34.70 -45.02 -21.59
N SER B 102 33.66 -45.15 -22.41
CA SER B 102 32.81 -46.33 -22.38
C SER B 102 33.45 -47.50 -23.14
N ASP B 103 33.13 -48.72 -22.68
CA ASP B 103 33.68 -49.94 -23.27
C ASP B 103 32.92 -50.29 -24.54
N GLN B 106 32.68 -48.34 -27.05
CA GLN B 106 32.29 -47.09 -27.69
C GLN B 106 33.07 -45.89 -27.13
N ARG B 107 32.46 -44.71 -27.22
CA ARG B 107 33.08 -43.47 -26.76
C ARG B 107 32.07 -42.44 -26.24
N LYS B 108 31.20 -42.85 -25.32
CA LYS B 108 30.32 -41.90 -24.66
C LYS B 108 30.98 -41.39 -23.37
N ARG B 109 31.02 -40.07 -23.22
CA ARG B 109 31.75 -39.41 -22.14
C ARG B 109 31.12 -39.66 -20.77
N THR B 110 31.75 -40.55 -20.00
CA THR B 110 31.19 -40.98 -18.72
C THR B 110 32.04 -40.58 -17.50
N VAL B 111 31.53 -40.92 -16.32
CA VAL B 111 32.02 -40.35 -15.08
C VAL B 111 31.94 -41.38 -13.96
N VAL B 112 33.06 -41.56 -13.26
CA VAL B 112 33.16 -42.53 -12.16
C VAL B 112 33.66 -41.87 -10.86
N LEU B 113 33.56 -42.61 -9.76
CA LEU B 113 34.17 -42.21 -8.48
C LEU B 113 35.66 -42.56 -8.50
N THR B 114 36.45 -41.79 -7.77
CA THR B 114 37.87 -42.07 -7.57
C THR B 114 38.08 -42.84 -6.27
N ARG B 115 39.33 -43.15 -5.97
CA ARG B 115 39.66 -43.73 -4.68
C ARG B 115 39.30 -42.77 -3.52
N LYS B 116 39.60 -41.49 -3.69
CA LYS B 116 39.25 -40.49 -2.68
C LYS B 116 37.75 -40.27 -2.60
N GLY B 117 37.10 -40.23 -3.75
CA GLY B 117 35.66 -40.06 -3.80
C GLY B 117 34.95 -41.21 -3.12
N LYS B 118 35.38 -42.44 -3.42
CA LYS B 118 34.82 -43.62 -2.80
C LYS B 118 34.98 -43.54 -1.28
N LYS B 119 36.18 -43.19 -0.85
CA LYS B 119 36.46 -43.07 0.59
C LYS B 119 35.69 -41.94 1.24
N LYS B 120 35.34 -40.92 0.45
CA LYS B 120 34.58 -39.77 0.98
C LYS B 120 33.16 -40.14 1.37
N LEU B 121 32.44 -40.81 0.49
CA LEU B 121 31.10 -41.29 0.83
C LEU B 121 31.21 -42.27 1.99
N ALA B 122 32.35 -42.96 2.07
CA ALA B 122 32.58 -43.90 3.14
C ALA B 122 32.74 -43.16 4.47
N GLU B 123 33.54 -42.09 4.46
CA GLU B 123 33.75 -41.29 5.67
C GLU B 123 32.44 -40.65 6.10
N ILE B 124 31.62 -40.29 5.11
CA ILE B 124 30.36 -39.61 5.32
C ILE B 124 29.22 -40.50 5.80
N SER B 125 29.26 -41.79 5.47
CA SER B 125 28.07 -42.64 5.55
C SER B 125 27.36 -42.67 6.91
N PRO B 126 28.12 -42.65 8.03
CA PRO B 126 27.41 -42.70 9.31
C PRO B 126 26.45 -41.53 9.47
N LEU B 127 26.74 -40.43 8.80
CA LEU B 127 25.94 -39.24 8.93
C LEU B 127 24.65 -39.42 8.17
N ILE B 128 24.78 -39.88 6.92
CA ILE B 128 23.65 -40.14 6.04
C ILE B 128 22.74 -41.23 6.59
N ASN B 129 23.31 -42.35 7.03
CA ASN B 129 22.51 -43.44 7.55
C ASN B 129 21.86 -43.08 8.88
N ASP B 130 22.54 -42.20 9.63
CA ASP B 130 21.99 -41.64 10.86
C ASP B 130 20.84 -40.70 10.58
N PHE B 131 21.02 -39.79 9.61
CA PHE B 131 19.91 -38.96 9.13
C PHE B 131 18.77 -39.82 8.63
N HIS B 132 19.11 -40.89 7.91
CA HIS B 132 18.10 -41.78 7.35
C HIS B 132 17.35 -42.55 8.43
N ALA B 133 18.09 -43.03 9.42
CA ALA B 133 17.48 -43.60 10.61
C ALA B 133 16.55 -42.59 11.30
N GLU B 134 17.00 -41.35 11.46
CA GLU B 134 16.15 -40.27 11.98
C GLU B 134 14.84 -40.20 11.20
N LEU B 135 14.96 -40.06 9.88
CA LEU B 135 13.82 -39.85 8.98
C LEU B 135 12.77 -40.95 9.08
N VAL B 136 13.18 -42.19 8.81
CA VAL B 136 12.26 -43.29 8.58
C VAL B 136 12.26 -44.28 9.73
N GLY B 137 12.72 -43.81 10.89
CA GLY B 137 13.05 -44.67 12.02
C GLY B 137 11.92 -45.43 12.71
N ASN B 138 10.92 -44.69 13.19
CA ASN B 138 9.90 -45.34 14.02
C ASN B 138 8.60 -45.71 13.32
N VAL B 139 8.61 -45.61 11.99
CA VAL B 139 7.52 -46.13 11.17
C VAL B 139 7.56 -47.66 11.20
N ASP B 140 6.39 -48.27 11.31
CA ASP B 140 6.27 -49.71 11.16
C ASP B 140 7.08 -50.10 9.91
N PRO B 141 8.02 -51.04 10.06
CA PRO B 141 8.97 -51.40 8.99
C PRO B 141 8.28 -52.01 7.78
N ASP B 142 7.06 -52.53 7.99
CA ASP B 142 6.28 -53.14 6.91
C ASP B 142 5.42 -52.08 6.22
N LYS B 143 4.90 -51.14 7.01
CA LYS B 143 4.25 -49.98 6.44
C LYS B 143 5.26 -49.23 5.60
N LEU B 144 6.51 -49.21 6.04
CA LEU B 144 7.54 -48.44 5.35
C LEU B 144 7.95 -49.11 4.05
N GLN B 145 8.12 -50.43 4.09
CA GLN B 145 8.40 -51.19 2.87
C GLN B 145 7.34 -50.95 1.80
N THR B 146 6.07 -51.00 2.19
CA THR B 146 4.96 -50.64 1.31
C THR B 146 5.09 -49.21 0.77
N CYS B 147 5.33 -48.26 1.67
CA CYS B 147 5.58 -46.90 1.25
C CYS B 147 6.64 -46.85 0.16
N ILE B 148 7.72 -47.60 0.36
CA ILE B 148 8.82 -47.59 -0.60
C ILE B 148 8.38 -48.22 -1.93
N GLU B 149 7.69 -49.36 -1.88
CA GLU B 149 7.25 -50.05 -3.11
C GLU B 149 6.40 -49.15 -3.98
N VAL B 150 5.49 -48.44 -3.33
CA VAL B 150 4.53 -47.57 -3.99
C VAL B 150 5.23 -46.39 -4.66
N LEU B 151 6.13 -45.75 -3.94
CA LEU B 151 6.88 -44.63 -4.49
C LEU B 151 7.67 -45.09 -5.70
N GLY B 152 8.12 -46.34 -5.68
CA GLY B 152 8.88 -46.89 -6.80
C GLY B 152 7.98 -47.27 -7.96
N GLU B 153 6.78 -47.72 -7.63
CA GLU B 153 5.77 -47.95 -8.64
C GLU B 153 5.43 -46.64 -9.33
N ILE B 154 4.90 -45.69 -8.56
CA ILE B 154 4.52 -44.39 -9.08
C ILE B 154 5.52 -43.80 -10.10
N LEU B 155 6.80 -43.84 -9.75
CA LEU B 155 7.85 -43.26 -10.58
C LEU B 155 8.15 -44.05 -11.86
N LYS B 156 8.35 -45.36 -11.73
CA LYS B 156 8.57 -46.21 -12.90
C LYS B 156 7.66 -45.76 -14.04
N GLY B 157 6.36 -45.70 -13.74
CA GLY B 157 5.33 -45.35 -14.71
C GLY B 157 5.52 -44.01 -15.42
N LYS B 158 6.28 -43.12 -14.78
CA LYS B 158 6.60 -41.81 -15.34
C LYS B 158 7.87 -41.77 -16.21
N THR B 159 8.97 -42.39 -15.78
CA THR B 159 10.24 -42.16 -16.47
C THR B 159 10.83 -43.38 -17.15
N ASP B 160 10.71 -44.52 -16.47
CA ASP B 160 11.51 -45.72 -16.73
C ASP B 160 13.04 -45.50 -16.69
N TYR B 161 13.48 -44.31 -16.24
CA TYR B 161 14.87 -44.08 -15.84
C TYR B 161 15.06 -42.79 -15.03
N PRO C 11 4.54 5.03 21.31
CA PRO C 11 4.74 4.11 20.17
C PRO C 11 6.08 3.38 20.25
N LYS C 12 6.10 2.21 20.90
CA LYS C 12 7.37 1.49 21.15
C LYS C 12 8.20 1.26 19.91
N PRO C 13 9.52 1.40 20.06
CA PRO C 13 10.50 1.21 18.98
C PRO C 13 10.39 -0.16 18.32
N SER C 14 10.52 -0.17 17.00
CA SER C 14 10.48 -1.40 16.24
C SER C 14 11.67 -1.43 15.30
N PHE C 15 11.99 -2.61 14.79
CA PHE C 15 13.04 -2.74 13.80
C PHE C 15 12.58 -2.00 12.54
N PRO C 16 13.46 -1.16 11.95
CA PRO C 16 14.83 -0.88 12.39
C PRO C 16 14.83 0.15 13.53
N TYR C 17 15.88 0.10 14.34
CA TYR C 17 15.96 0.99 15.50
C TYR C 17 16.68 2.27 15.14
N GLY C 18 16.30 3.36 15.80
CA GLY C 18 16.71 4.71 15.39
C GLY C 18 17.67 5.44 16.31
N SER C 19 18.11 4.75 17.35
CA SER C 19 19.13 5.30 18.23
C SER C 19 19.96 4.15 18.76
N PRO C 20 21.15 4.44 19.32
CA PRO C 20 22.04 3.48 19.98
C PRO C 20 21.43 2.85 21.24
N GLY C 21 20.57 3.63 21.88
CA GLY C 21 19.90 3.24 23.11
C GLY C 21 18.72 2.33 22.88
N GLU C 22 18.15 2.36 21.66
CA GLU C 22 17.09 1.43 21.23
C GLU C 22 17.62 0.03 20.89
N LEU C 23 18.65 0.00 20.04
CA LEU C 23 19.39 -1.21 19.71
C LEU C 23 19.93 -1.86 20.97
N ASN C 24 20.37 -1.02 21.91
CA ASN C 24 20.84 -1.48 23.21
C ASN C 24 19.75 -2.12 24.05
N SER C 25 18.60 -2.38 23.44
CA SER C 25 17.46 -2.93 24.17
C SER C 25 16.87 -4.13 23.44
N PHE C 26 17.30 -4.32 22.19
CA PHE C 26 16.81 -5.36 21.29
C PHE C 26 17.57 -6.67 21.57
N LEU C 27 16.86 -7.68 22.09
CA LEU C 27 17.52 -8.89 22.56
C LEU C 27 18.56 -9.50 21.62
N PRO C 28 18.20 -9.76 20.34
CA PRO C 28 19.11 -10.28 19.32
C PRO C 28 20.47 -9.58 19.19
N TYR C 29 20.52 -8.28 19.45
CA TYR C 29 21.77 -7.53 19.36
C TYR C 29 22.62 -7.78 20.62
N LEU C 30 21.97 -7.84 21.78
CA LEU C 30 22.67 -8.03 23.04
C LEU C 30 23.29 -9.42 23.07
N LEU C 31 22.48 -10.43 22.79
CA LEU C 31 22.98 -11.82 22.74
C LEU C 31 24.27 -11.92 21.92
N THR C 32 24.29 -11.28 20.75
CA THR C 32 25.43 -11.36 19.84
C THR C 32 26.72 -10.80 20.44
N ARG C 33 26.71 -9.55 20.89
CA ARG C 33 27.88 -8.89 21.48
C ARG C 33 28.38 -9.64 22.71
N ILE C 34 27.45 -10.01 23.58
CA ILE C 34 27.83 -10.75 24.79
C ILE C 34 28.38 -12.13 24.49
N THR C 35 27.82 -12.80 23.47
CA THR C 35 28.30 -14.12 23.03
C THR C 35 29.65 -14.07 22.28
N HIS C 36 29.76 -13.12 21.36
CA HIS C 36 31.04 -12.88 20.71
C HIS C 36 32.10 -12.61 21.80
N ILE C 37 31.70 -11.83 22.81
CA ILE C 37 32.57 -11.52 23.93
C ILE C 37 32.97 -12.76 24.72
N TRP C 38 32.02 -13.65 24.97
CA TRP C 38 32.34 -14.85 25.75
C TRP C 38 33.25 -15.79 24.96
N SER C 39 32.82 -16.17 23.76
CA SER C 39 33.59 -17.10 22.94
C SER C 39 34.95 -16.52 22.55
N SER C 40 35.06 -15.19 22.46
CA SER C 40 36.35 -14.57 22.15
C SER C 40 37.36 -14.66 23.29
N GLU C 41 36.98 -14.16 24.47
CA GLU C 41 37.86 -14.19 25.63
C GLU C 41 38.18 -15.62 26.09
N LEU C 42 37.28 -16.55 25.81
CA LEU C 42 37.45 -17.94 26.25
C LEU C 42 38.25 -18.79 25.25
N ASN C 43 38.05 -18.57 23.97
CA ASN C 43 38.73 -19.37 22.97
C ASN C 43 40.23 -19.22 23.09
N GLN C 44 40.66 -18.06 23.57
CA GLN C 44 42.08 -17.74 23.64
C GLN C 44 42.70 -18.00 25.01
N ALA C 45 41.88 -18.15 26.05
CA ALA C 45 42.36 -18.60 27.33
C ALA C 45 42.48 -20.12 27.32
N LEU C 46 41.79 -20.76 26.37
CA LEU C 46 41.97 -22.18 26.11
C LEU C 46 43.08 -22.37 25.09
N ALA C 47 43.27 -21.35 24.24
CA ALA C 47 44.34 -21.39 23.23
C ALA C 47 45.64 -21.84 23.90
N SER C 48 45.86 -21.30 25.10
CA SER C 48 46.93 -21.74 25.98
C SER C 48 46.85 -23.24 26.21
N GLU C 49 45.74 -23.67 26.81
CA GLU C 49 45.60 -25.04 27.29
C GLU C 49 45.22 -26.01 26.18
N LYS C 50 45.13 -25.51 24.96
CA LYS C 50 44.72 -26.29 23.79
C LYS C 50 43.70 -27.41 24.06
N LEU C 51 42.61 -27.06 24.74
CA LEU C 51 41.38 -27.84 24.66
C LEU C 51 40.44 -26.91 23.94
N PRO C 52 40.58 -26.84 22.60
CA PRO C 52 39.82 -25.91 21.78
C PRO C 52 38.36 -25.91 22.20
N THR C 53 37.67 -24.78 22.02
CA THR C 53 36.25 -24.68 22.34
C THR C 53 35.41 -25.79 21.71
N PRO C 54 35.71 -26.17 20.45
CA PRO C 54 35.05 -27.33 19.86
C PRO C 54 35.08 -28.52 20.82
N LYS C 55 36.28 -28.93 21.20
CA LYS C 55 36.46 -30.00 22.15
C LYS C 55 35.87 -29.67 23.52
N LEU C 56 35.86 -28.39 23.88
CA LEU C 56 35.27 -28.00 25.17
C LEU C 56 33.76 -28.24 25.14
N ARG C 57 33.13 -27.78 24.08
CA ARG C 57 31.68 -27.82 23.99
C ARG C 57 31.11 -29.23 24.00
N LEU C 58 31.65 -30.12 23.19
CA LEU C 58 31.17 -31.48 23.12
C LEU C 58 31.33 -32.24 24.43
N LEU C 59 32.42 -31.99 25.11
CA LEU C 59 32.66 -32.68 26.35
C LEU C 59 31.69 -32.17 27.42
N SER C 60 31.52 -30.86 27.50
CA SER C 60 30.59 -30.28 28.46
C SER C 60 29.17 -30.84 28.29
N SER C 61 28.77 -31.04 27.03
CA SER C 61 27.43 -31.56 26.71
C SER C 61 27.19 -33.00 27.19
N LEU C 62 28.15 -33.89 26.97
CA LEU C 62 28.04 -35.25 27.47
C LEU C 62 28.11 -35.32 29.00
N SER C 63 28.91 -34.43 29.60
CA SER C 63 28.97 -34.32 31.06
C SER C 63 27.59 -34.05 31.66
N ALA C 64 26.82 -33.18 31.00
CA ALA C 64 25.49 -32.78 31.47
C ALA C 64 24.42 -33.81 31.14
N TYR C 65 24.46 -34.34 29.92
CA TYR C 65 23.40 -35.24 29.44
C TYR C 65 23.76 -36.73 29.45
N GLY C 66 25.04 -37.04 29.68
CA GLY C 66 25.47 -38.43 29.81
C GLY C 66 25.86 -39.14 28.52
N GLU C 67 24.86 -39.54 27.75
CA GLU C 67 25.11 -40.24 26.50
C GLU C 67 24.27 -39.62 25.40
N LEU C 68 24.93 -39.04 24.39
CA LEU C 68 24.22 -38.30 23.34
C LEU C 68 24.59 -38.86 22.00
N THR C 69 23.70 -38.69 21.03
CA THR C 69 23.98 -39.14 19.66
C THR C 69 24.79 -38.06 18.96
N VAL C 70 25.32 -38.38 17.79
CA VAL C 70 26.15 -37.41 17.09
C VAL C 70 25.26 -36.26 16.68
N GLY C 71 24.04 -36.60 16.27
CA GLY C 71 23.04 -35.59 15.93
C GLY C 71 22.80 -34.66 17.10
N GLN C 72 22.54 -35.25 18.27
CA GLN C 72 22.21 -34.52 19.49
C GLN C 72 23.35 -33.61 19.98
N LEU C 73 24.57 -34.14 20.03
CA LEU C 73 25.74 -33.35 20.41
C LEU C 73 25.94 -32.07 19.58
N ALA C 74 25.78 -32.17 18.26
CA ALA C 74 25.98 -31.02 17.38
C ALA C 74 24.95 -29.96 17.73
N THR C 75 23.83 -30.41 18.27
CA THR C 75 22.75 -29.52 18.64
C THR C 75 23.11 -28.76 19.91
N LEU C 76 23.23 -29.48 21.02
CA LEU C 76 23.55 -28.86 22.30
C LEU C 76 24.87 -28.09 22.27
N GLY C 77 25.81 -28.58 21.47
CA GLY C 77 27.13 -27.97 21.36
C GLY C 77 27.22 -26.89 20.30
N VAL C 78 26.06 -26.50 19.76
CA VAL C 78 25.97 -25.39 18.81
C VAL C 78 26.90 -25.58 17.60
N MSE C 79 27.02 -26.84 17.18
CA MSE C 79 27.94 -27.20 16.10
C MSE C 79 27.32 -27.98 14.94
O MSE C 79 26.38 -28.74 15.11
CB MSE C 79 29.17 -27.93 16.65
CG MSE C 79 30.16 -26.98 17.34
SE MSE C 79 31.39 -27.89 18.54
CE MSE C 79 31.59 -29.49 17.47
N GLU C 80 27.88 -27.77 13.76
CA GLU C 80 27.47 -28.45 12.55
C GLU C 80 27.71 -29.94 12.75
N GLN C 81 26.88 -30.79 12.14
CA GLN C 81 26.87 -32.23 12.42
C GLN C 81 28.05 -33.01 11.83
N SER C 82 28.64 -32.50 10.76
CA SER C 82 29.83 -33.15 10.21
C SER C 82 31.07 -32.75 11.01
N THR C 83 31.14 -31.49 11.40
CA THR C 83 32.21 -31.01 12.27
C THR C 83 32.17 -31.72 13.62
N THR C 84 30.98 -31.84 14.19
CA THR C 84 30.82 -32.61 15.42
C THR C 84 31.51 -33.98 15.30
N SER C 85 31.09 -34.80 14.35
CA SER C 85 31.66 -36.14 14.24
C SER C 85 33.20 -36.11 14.14
N ARG C 86 33.75 -35.12 13.45
CA ARG C 86 35.19 -35.04 13.31
C ARG C 86 35.82 -34.86 14.67
N THR C 87 35.28 -33.92 15.43
CA THR C 87 35.77 -33.65 16.77
C THR C 87 35.44 -34.80 17.72
N VAL C 88 34.54 -35.69 17.31
CA VAL C 88 34.25 -36.87 18.13
C VAL C 88 35.27 -37.97 17.90
N ASP C 89 35.71 -38.14 16.66
CA ASP C 89 36.70 -39.17 16.33
C ASP C 89 38.04 -38.84 16.98
N GLN C 90 38.21 -37.56 17.29
CA GLN C 90 39.39 -37.08 17.99
C GLN C 90 39.28 -37.44 19.45
N LEU C 91 38.37 -36.78 20.15
CA LEU C 91 38.15 -37.04 21.57
C LEU C 91 38.18 -38.56 21.85
N VAL C 92 37.67 -39.35 20.90
CA VAL C 92 37.71 -40.81 20.98
C VAL C 92 39.12 -41.33 20.89
N ASP C 93 39.81 -41.00 19.79
CA ASP C 93 41.20 -41.43 19.65
C ASP C 93 42.19 -40.75 20.64
N GLU C 94 41.69 -39.77 21.41
CA GLU C 94 42.48 -39.18 22.48
C GLU C 94 42.11 -39.79 23.84
N GLY C 95 41.05 -40.59 23.89
CA GLY C 95 40.69 -41.28 25.13
C GLY C 95 39.84 -40.44 26.05
N LEU C 96 39.38 -39.31 25.55
CA LEU C 96 38.55 -38.39 26.32
C LEU C 96 37.08 -38.77 26.21
N ALA C 97 36.76 -39.53 25.17
CA ALA C 97 35.40 -39.98 24.94
C ALA C 97 35.47 -41.30 24.23
N ALA C 98 34.38 -42.07 24.31
CA ALA C 98 34.29 -43.32 23.57
C ALA C 98 32.93 -43.52 22.95
N ARG C 99 32.81 -44.61 22.20
CA ARG C 99 31.57 -44.98 21.58
C ARG C 99 30.84 -46.08 22.39
N SER C 100 29.52 -46.09 22.23
CA SER C 100 28.66 -47.16 22.72
C SER C 100 27.48 -47.36 21.76
N ILE C 101 26.35 -47.84 22.28
CA ILE C 101 25.13 -48.00 21.47
C ILE C 101 23.86 -47.82 22.31
N SER C 102 22.92 -47.03 21.82
CA SER C 102 21.74 -46.76 22.64
C SER C 102 20.52 -47.59 22.26
N ASP C 103 19.86 -48.11 23.28
CA ASP C 103 18.62 -48.85 23.16
C ASP C 103 17.53 -48.03 22.48
N ARG C 107 19.23 -48.85 18.88
CA ARG C 107 20.62 -49.23 18.63
C ARG C 107 21.27 -48.31 17.58
N LYS C 108 21.07 -47.00 17.74
CA LYS C 108 21.66 -46.01 16.84
C LYS C 108 23.09 -45.58 17.26
N ARG C 109 23.55 -44.44 16.74
CA ARG C 109 24.96 -44.00 16.88
C ARG C 109 25.16 -42.95 18.00
N THR C 110 25.90 -43.31 19.07
CA THR C 110 25.98 -42.50 20.29
C THR C 110 27.37 -42.43 21.00
N VAL C 111 27.64 -41.29 21.65
CA VAL C 111 28.93 -41.04 22.31
C VAL C 111 28.80 -40.88 23.84
N VAL C 112 29.86 -41.23 24.57
CA VAL C 112 29.89 -41.15 26.04
C VAL C 112 31.21 -40.56 26.53
N LEU C 113 31.20 -40.05 27.75
CA LEU C 113 32.43 -39.52 28.37
C LEU C 113 33.21 -40.66 29.02
N THR C 114 34.52 -40.69 28.82
CA THR C 114 35.37 -41.63 29.57
C THR C 114 35.82 -40.99 30.87
N ARG C 115 36.41 -41.78 31.76
CA ARG C 115 36.89 -41.25 33.01
C ARG C 115 37.98 -40.22 32.74
N LYS C 116 38.64 -40.38 31.61
CA LYS C 116 39.64 -39.42 31.16
C LYS C 116 39.02 -38.08 30.68
N GLY C 117 37.89 -38.15 29.97
CA GLY C 117 37.23 -36.94 29.55
C GLY C 117 36.73 -36.20 30.78
N LYS C 118 36.21 -36.95 31.74
CA LYS C 118 35.69 -36.38 32.99
C LYS C 118 36.76 -35.50 33.64
N LYS C 119 37.90 -36.11 33.97
CA LYS C 119 39.03 -35.42 34.56
C LYS C 119 39.44 -34.18 33.75
N LYS C 120 39.49 -34.34 32.44
CA LYS C 120 39.81 -33.25 31.53
C LYS C 120 38.95 -32.06 31.88
N LEU C 121 37.64 -32.31 31.90
CA LEU C 121 36.63 -31.31 32.21
C LEU C 121 36.87 -30.63 33.55
N ALA C 122 36.86 -31.44 34.62
CA ALA C 122 37.02 -30.94 35.97
C ALA C 122 38.30 -30.11 36.10
N GLU C 123 39.23 -30.37 35.19
CA GLU C 123 40.49 -29.65 35.16
C GLU C 123 40.36 -28.22 34.63
N ILE C 124 39.68 -28.07 33.50
CA ILE C 124 39.59 -26.76 32.85
C ILE C 124 38.45 -25.96 33.45
N SER C 125 37.39 -26.67 33.82
CA SER C 125 36.20 -26.06 34.38
C SER C 125 36.49 -24.86 35.32
N PRO C 126 37.44 -25.02 36.26
CA PRO C 126 37.69 -23.86 37.12
C PRO C 126 37.97 -22.58 36.34
N LEU C 127 38.66 -22.68 35.21
CA LEU C 127 38.91 -21.51 34.39
C LEU C 127 37.59 -20.96 33.88
N ILE C 128 36.71 -21.85 33.42
CA ILE C 128 35.39 -21.50 32.90
C ILE C 128 34.58 -20.68 33.91
N ASN C 129 34.33 -21.28 35.07
CA ASN C 129 33.47 -20.69 36.09
C ASN C 129 33.93 -19.32 36.57
N ASP C 130 35.25 -19.12 36.57
CA ASP C 130 35.82 -17.83 36.92
C ASP C 130 35.46 -16.80 35.84
N PHE C 131 35.49 -17.24 34.59
CA PHE C 131 35.04 -16.42 33.47
C PHE C 131 33.56 -16.04 33.61
N HIS C 132 32.74 -17.01 34.00
CA HIS C 132 31.33 -16.78 34.32
C HIS C 132 31.26 -15.67 35.36
N ALA C 133 32.06 -15.81 36.41
CA ALA C 133 32.06 -14.88 37.52
C ALA C 133 32.30 -13.46 37.05
N GLU C 134 33.23 -13.28 36.11
CA GLU C 134 33.60 -11.93 35.69
C GLU C 134 32.51 -11.37 34.81
N LEU C 135 31.96 -12.24 33.97
CA LEU C 135 30.83 -11.90 33.10
C LEU C 135 29.66 -11.33 33.89
N VAL C 136 28.93 -12.20 34.58
CA VAL C 136 27.76 -11.82 35.35
C VAL C 136 28.12 -10.88 36.49
N GLY C 137 29.34 -10.35 36.44
CA GLY C 137 29.91 -9.49 37.46
C GLY C 137 29.05 -9.18 38.67
N ASN C 138 28.61 -7.92 38.75
CA ASN C 138 27.98 -7.39 39.94
C ASN C 138 26.47 -7.28 39.84
N VAL C 139 25.88 -8.13 39.01
CA VAL C 139 24.44 -8.11 38.79
C VAL C 139 23.69 -8.53 40.06
N ASP C 140 22.53 -7.96 40.32
CA ASP C 140 21.68 -8.48 41.38
C ASP C 140 21.54 -9.98 41.13
N PRO C 141 21.91 -10.80 42.13
CA PRO C 141 21.74 -12.25 41.99
C PRO C 141 20.32 -12.69 41.60
N ASP C 142 19.29 -11.96 42.03
CA ASP C 142 17.91 -12.34 41.72
C ASP C 142 17.41 -11.76 40.40
N LYS C 143 18.09 -10.73 39.91
CA LYS C 143 17.81 -10.20 38.59
C LYS C 143 18.55 -11.05 37.57
N LEU C 144 19.61 -11.70 38.03
CA LEU C 144 20.36 -12.61 37.17
C LEU C 144 19.60 -13.90 37.02
N GLN C 145 18.91 -14.31 38.08
CA GLN C 145 18.01 -15.46 38.00
C GLN C 145 16.87 -15.18 37.04
N THR C 146 16.25 -14.02 37.18
CA THR C 146 15.18 -13.59 36.26
C THR C 146 15.62 -13.75 34.78
N CYS C 147 16.74 -13.11 34.44
CA CYS C 147 17.33 -13.20 33.11
C CYS C 147 17.52 -14.65 32.66
N ILE C 148 18.06 -15.48 33.55
CA ILE C 148 18.36 -16.86 33.21
C ILE C 148 17.12 -17.75 33.08
N GLU C 149 16.03 -17.40 33.75
CA GLU C 149 14.74 -18.09 33.52
C GLU C 149 14.11 -17.60 32.21
N VAL C 150 14.11 -16.29 32.01
CA VAL C 150 13.67 -15.70 30.75
C VAL C 150 14.40 -16.38 29.60
N LEU C 151 15.74 -16.32 29.61
CA LEU C 151 16.57 -16.93 28.55
C LEU C 151 16.30 -18.42 28.39
N GLY C 152 16.00 -19.09 29.49
CA GLY C 152 15.68 -20.49 29.45
C GLY C 152 14.28 -20.73 28.92
N GLU C 153 13.44 -19.71 29.01
CA GLU C 153 12.08 -19.79 28.46
C GLU C 153 12.19 -19.55 26.97
N ILE C 154 12.99 -18.56 26.59
CA ILE C 154 13.18 -18.22 25.19
C ILE C 154 13.73 -19.39 24.38
N LEU C 155 14.61 -20.18 24.98
CA LEU C 155 15.15 -21.34 24.26
C LEU C 155 14.15 -22.50 24.19
N LYS C 156 13.49 -22.75 25.31
CA LYS C 156 12.46 -23.77 25.39
C LYS C 156 11.44 -23.57 24.26
N GLY C 157 11.00 -22.34 24.08
CA GLY C 157 9.99 -22.05 23.08
C GLY C 157 10.50 -21.92 21.65
N LYS C 158 11.79 -22.13 21.42
CA LYS C 158 12.33 -21.94 20.07
C LYS C 158 13.08 -23.14 19.52
N THR C 159 12.83 -24.31 20.09
CA THR C 159 13.59 -25.50 19.74
C THR C 159 12.83 -26.77 20.07
N PRO D 13 31.48 -33.69 39.12
CA PRO D 13 31.19 -32.67 38.10
C PRO D 13 30.41 -31.49 38.70
N SER D 14 31.05 -30.33 38.80
CA SER D 14 30.45 -29.14 39.42
C SER D 14 29.55 -28.34 38.46
N PHE D 15 28.95 -27.25 38.95
CA PHE D 15 28.27 -26.31 38.08
C PHE D 15 29.31 -25.79 37.10
N PRO D 16 28.90 -25.55 35.83
CA PRO D 16 27.56 -25.73 35.27
C PRO D 16 27.48 -26.86 34.23
N TYR D 17 27.77 -28.11 34.60
CA TYR D 17 27.79 -29.18 33.59
C TYR D 17 27.51 -30.57 34.14
N GLY D 18 26.84 -30.66 35.28
CA GLY D 18 26.49 -31.94 35.87
C GLY D 18 25.15 -32.54 35.46
N SER D 19 24.27 -31.70 34.94
CA SER D 19 22.95 -32.14 34.51
C SER D 19 22.31 -31.14 33.56
N PRO D 20 21.19 -31.53 32.92
CA PRO D 20 20.56 -30.64 31.95
C PRO D 20 20.24 -29.28 32.57
N GLY D 21 19.57 -29.32 33.72
CA GLY D 21 19.18 -28.12 34.43
C GLY D 21 20.32 -27.14 34.66
N GLU D 22 21.42 -27.63 35.22
CA GLU D 22 22.55 -26.75 35.51
C GLU D 22 23.04 -26.08 34.24
N LEU D 23 23.24 -26.88 33.21
CA LEU D 23 23.66 -26.38 31.90
C LEU D 23 22.70 -25.34 31.31
N ASN D 24 21.41 -25.69 31.23
CA ASN D 24 20.41 -24.79 30.66
C ASN D 24 20.05 -23.67 31.62
N SER D 25 20.96 -23.41 32.55
CA SER D 25 20.88 -22.31 33.49
C SER D 25 22.22 -21.57 33.42
N PHE D 26 23.14 -22.15 32.65
CA PHE D 26 24.45 -21.54 32.48
C PHE D 26 24.27 -20.43 31.47
N LEU D 27 24.31 -19.20 31.94
CA LEU D 27 23.98 -18.07 31.13
C LEU D 27 24.74 -18.06 29.81
N PRO D 28 26.02 -18.48 29.84
CA PRO D 28 26.71 -18.45 28.53
C PRO D 28 26.32 -19.62 27.61
N TYR D 29 25.72 -20.68 28.17
CA TYR D 29 25.15 -21.72 27.32
C TYR D 29 23.84 -21.22 26.73
N LEU D 30 22.93 -20.81 27.61
CA LEU D 30 21.70 -20.17 27.15
C LEU D 30 21.99 -19.17 26.01
N LEU D 31 22.88 -18.22 26.28
CA LEU D 31 23.27 -17.17 25.32
C LEU D 31 23.66 -17.69 23.94
N THR D 32 24.39 -18.79 23.91
CA THR D 32 24.95 -19.39 22.68
C THR D 32 23.93 -20.14 21.84
N ARG D 33 23.10 -20.95 22.49
CA ARG D 33 22.03 -21.64 21.79
C ARG D 33 21.23 -20.56 21.10
N ILE D 34 20.75 -19.62 21.90
CA ILE D 34 19.79 -18.62 21.43
C ILE D 34 20.40 -17.76 20.32
N THR D 35 21.62 -17.29 20.51
CA THR D 35 22.29 -16.51 19.46
C THR D 35 22.26 -17.26 18.15
N HIS D 36 22.70 -18.51 18.17
CA HIS D 36 22.78 -19.34 16.96
C HIS D 36 21.44 -19.40 16.22
N ILE D 37 20.39 -19.81 16.92
CA ILE D 37 19.07 -19.87 16.30
C ILE D 37 18.74 -18.59 15.51
N TRP D 38 18.68 -17.45 16.20
CA TRP D 38 18.39 -16.13 15.61
C TRP D 38 19.14 -15.79 14.30
N SER D 39 20.45 -15.99 14.29
CA SER D 39 21.27 -15.70 13.10
C SER D 39 20.89 -16.66 12.00
N SER D 40 20.71 -17.92 12.37
CA SER D 40 20.30 -18.99 11.47
C SER D 40 19.02 -18.66 10.69
N GLU D 41 17.94 -18.50 11.44
CA GLU D 41 16.66 -18.12 10.90
C GLU D 41 16.75 -16.90 9.98
N LEU D 42 17.35 -15.82 10.46
CA LEU D 42 17.34 -14.57 9.71
C LEU D 42 18.18 -14.63 8.46
N ASN D 43 19.31 -15.30 8.57
CA ASN D 43 20.19 -15.56 7.42
C ASN D 43 19.41 -16.29 6.31
N GLN D 44 18.73 -17.37 6.71
CA GLN D 44 17.87 -18.14 5.83
C GLN D 44 16.83 -17.29 5.14
N ALA D 45 15.81 -16.92 5.91
CA ALA D 45 14.72 -16.05 5.46
C ALA D 45 15.16 -15.02 4.43
N LEU D 46 16.26 -14.32 4.71
CA LEU D 46 16.69 -13.18 3.89
C LEU D 46 17.64 -13.56 2.78
N ALA D 47 17.95 -14.84 2.70
CA ALA D 47 18.91 -15.35 1.73
C ALA D 47 18.73 -14.75 0.34
N SER D 48 17.48 -14.47 -0.03
CA SER D 48 17.19 -13.96 -1.36
C SER D 48 17.38 -12.45 -1.50
N GLU D 49 17.43 -11.75 -0.36
CA GLU D 49 17.83 -10.34 -0.36
C GLU D 49 19.33 -10.32 -0.20
N LYS D 50 19.94 -11.49 -0.27
CA LYS D 50 21.35 -11.65 0.05
C LYS D 50 21.69 -10.79 1.25
N LEU D 51 20.83 -10.85 2.25
CA LEU D 51 21.07 -10.16 3.51
C LEU D 51 21.38 -11.18 4.58
N PRO D 52 22.57 -11.82 4.49
CA PRO D 52 23.04 -12.70 5.56
C PRO D 52 23.35 -11.84 6.78
N THR D 53 23.37 -12.45 7.96
CA THR D 53 23.40 -11.66 9.19
C THR D 53 24.51 -10.59 9.28
N PRO D 54 25.65 -10.81 8.61
CA PRO D 54 26.73 -9.79 8.60
C PRO D 54 26.33 -8.46 7.96
N LYS D 55 25.87 -8.47 6.72
CA LYS D 55 25.38 -7.26 6.07
C LYS D 55 24.25 -6.63 6.86
N LEU D 56 23.31 -7.47 7.26
CA LEU D 56 22.13 -7.04 8.00
C LEU D 56 22.50 -6.43 9.36
N ARG D 57 23.54 -6.98 10.00
CA ARG D 57 24.07 -6.47 11.28
C ARG D 57 24.62 -5.06 11.15
N LEU D 58 25.38 -4.81 10.08
CA LEU D 58 25.95 -3.50 9.83
C LEU D 58 24.84 -2.52 9.47
N LEU D 59 24.15 -2.83 8.38
CA LEU D 59 22.97 -2.07 8.02
C LEU D 59 22.17 -1.77 9.28
N SER D 60 21.87 -2.81 10.05
CA SER D 60 21.04 -2.61 11.22
C SER D 60 21.68 -1.59 12.17
N SER D 61 23.01 -1.61 12.26
CA SER D 61 23.73 -0.72 13.15
C SER D 61 23.76 0.70 12.62
N LEU D 62 23.98 0.84 11.31
CA LEU D 62 24.01 2.15 10.67
C LEU D 62 22.71 2.87 10.91
N SER D 63 21.61 2.12 10.83
CA SER D 63 20.30 2.68 11.15
C SER D 63 20.31 3.26 12.55
N ALA D 64 20.58 2.41 13.54
CA ALA D 64 20.45 2.78 14.93
C ALA D 64 21.50 3.84 15.33
N TYR D 65 22.69 3.76 14.76
CA TYR D 65 23.80 4.63 15.17
C TYR D 65 23.96 5.88 14.32
N GLY D 66 23.72 5.76 13.02
CA GLY D 66 23.68 6.94 12.18
C GLY D 66 24.85 7.07 11.22
N GLU D 67 26.05 6.94 11.74
CA GLU D 67 27.24 7.14 10.94
C GLU D 67 28.44 6.68 11.74
N LEU D 68 29.16 5.69 11.23
CA LEU D 68 30.20 5.03 12.00
C LEU D 68 31.44 4.87 11.13
N THR D 69 32.62 4.82 11.76
CA THR D 69 33.83 4.45 11.04
C THR D 69 33.64 3.01 10.66
N VAL D 70 34.54 2.50 9.83
CA VAL D 70 34.56 1.07 9.58
C VAL D 70 34.91 0.36 10.88
N GLY D 71 35.66 1.04 11.74
CA GLY D 71 36.10 0.49 13.00
C GLY D 71 34.98 0.30 14.00
N GLN D 72 34.07 1.27 14.06
CA GLN D 72 32.91 1.19 14.95
C GLN D 72 31.88 0.19 14.41
N LEU D 73 31.84 0.08 13.09
CA LEU D 73 30.98 -0.91 12.42
C LEU D 73 31.44 -2.32 12.74
N ALA D 74 32.75 -2.49 12.87
CA ALA D 74 33.33 -3.79 13.21
C ALA D 74 32.95 -4.18 14.64
N THR D 75 33.11 -3.26 15.57
CA THR D 75 32.80 -3.55 16.97
C THR D 75 31.34 -3.93 17.15
N LEU D 76 30.44 -2.99 16.83
CA LEU D 76 29.00 -3.24 16.89
C LEU D 76 28.59 -4.52 16.19
N GLY D 77 29.37 -4.91 15.16
CA GLY D 77 29.05 -6.05 14.32
C GLY D 77 29.83 -7.32 14.58
N VAL D 78 30.66 -7.31 15.62
CA VAL D 78 31.44 -8.48 16.05
C VAL D 78 32.24 -9.13 14.91
N MSE D 79 32.98 -8.28 14.18
CA MSE D 79 33.88 -8.72 13.11
C MSE D 79 35.25 -8.01 13.14
O MSE D 79 35.48 -7.11 13.94
CB MSE D 79 33.25 -8.53 11.72
CG MSE D 79 32.02 -9.37 11.43
SE MSE D 79 31.42 -9.15 9.56
CE MSE D 79 30.09 -7.70 9.81
N GLU D 80 36.11 -8.45 12.23
CA GLU D 80 37.44 -7.88 11.99
C GLU D 80 37.28 -6.74 10.99
N GLN D 81 38.10 -5.71 11.08
CA GLN D 81 37.91 -4.57 10.17
C GLN D 81 38.19 -4.90 8.72
N SER D 82 38.83 -6.04 8.48
CA SER D 82 39.05 -6.51 7.12
C SER D 82 37.75 -7.06 6.54
N THR D 83 37.15 -8.00 7.26
CA THR D 83 35.89 -8.63 6.88
C THR D 83 34.74 -7.62 6.87
N THR D 84 34.79 -6.70 7.84
CA THR D 84 33.83 -5.60 7.90
C THR D 84 34.01 -4.68 6.71
N SER D 85 35.24 -4.24 6.49
CA SER D 85 35.58 -3.51 5.27
C SER D 85 34.93 -4.18 4.05
N ARG D 86 35.06 -5.49 3.94
CA ARG D 86 34.48 -6.23 2.82
C ARG D 86 32.94 -6.30 2.86
N THR D 87 32.36 -6.43 4.06
CA THR D 87 30.92 -6.39 4.23
C THR D 87 30.39 -5.04 3.76
N VAL D 88 30.97 -3.97 4.30
CA VAL D 88 30.68 -2.59 3.89
C VAL D 88 30.76 -2.40 2.37
N ASP D 89 31.73 -3.06 1.74
CA ASP D 89 31.98 -2.85 0.32
C ASP D 89 30.98 -3.59 -0.57
N GLN D 90 30.32 -4.59 0.00
CA GLN D 90 29.18 -5.20 -0.66
C GLN D 90 28.00 -4.25 -0.58
N LEU D 91 27.72 -3.77 0.63
CA LEU D 91 26.56 -2.88 0.88
C LEU D 91 26.65 -1.59 0.10
N VAL D 92 27.87 -1.13 -0.18
CA VAL D 92 28.06 0.06 -0.99
C VAL D 92 27.70 -0.21 -2.44
N ASP D 93 28.03 -1.42 -2.92
CA ASP D 93 27.82 -1.79 -4.33
C ASP D 93 26.43 -2.36 -4.62
N GLU D 94 25.64 -2.57 -3.56
CA GLU D 94 24.26 -3.06 -3.68
C GLU D 94 23.25 -1.91 -3.61
N GLY D 95 23.72 -0.73 -3.24
CA GLY D 95 22.88 0.45 -3.18
C GLY D 95 22.42 0.80 -1.78
N LEU D 96 22.92 0.05 -0.79
CA LEU D 96 22.42 0.15 0.58
C LEU D 96 23.20 1.08 1.51
N ALA D 97 24.48 1.32 1.19
CA ALA D 97 25.31 2.21 1.99
C ALA D 97 26.15 3.14 1.10
N ALA D 98 26.84 4.07 1.74
CA ALA D 98 27.69 5.04 1.04
C ALA D 98 28.82 5.46 1.95
N ARG D 99 30.03 5.49 1.43
CA ARG D 99 31.17 5.96 2.23
C ARG D 99 31.13 7.48 2.39
N SER D 100 31.78 7.98 3.44
CA SER D 100 31.73 9.41 3.75
C SER D 100 32.89 9.91 4.65
N ILE D 101 32.99 11.22 4.80
CA ILE D 101 33.98 11.85 5.66
C ILE D 101 33.29 12.57 6.80
N SER D 102 33.58 12.16 8.03
CA SER D 102 33.05 12.84 9.22
C SER D 102 33.20 14.36 9.11
N ASP D 103 32.15 15.08 9.49
CA ASP D 103 32.22 16.54 9.59
C ASP D 103 32.62 16.94 11.01
N ALA D 104 32.78 15.95 11.88
CA ALA D 104 33.31 16.15 13.21
C ALA D 104 34.79 16.49 13.12
N ASP D 105 35.60 15.49 12.82
CA ASP D 105 37.06 15.66 12.74
C ASP D 105 37.53 15.87 11.29
N GLN D 106 36.71 15.46 10.33
CA GLN D 106 36.97 15.70 8.92
C GLN D 106 37.87 14.67 8.23
N ARG D 107 38.37 13.69 8.98
CA ARG D 107 39.21 12.65 8.40
C ARG D 107 38.57 11.29 8.57
N LYS D 108 37.82 11.12 9.65
CA LYS D 108 37.18 9.85 9.96
C LYS D 108 36.40 9.36 8.75
N ARG D 109 36.92 8.34 8.09
CA ARG D 109 36.23 7.72 6.96
C ARG D 109 35.09 6.83 7.47
N THR D 110 33.86 7.30 7.24
CA THR D 110 32.67 6.68 7.80
C THR D 110 31.68 6.17 6.74
N VAL D 111 30.59 5.58 7.22
CA VAL D 111 29.68 4.84 6.38
C VAL D 111 28.26 5.08 6.84
N VAL D 112 27.36 5.33 5.90
CA VAL D 112 25.99 5.65 6.23
C VAL D 112 24.97 4.93 5.32
N LEU D 113 23.71 4.90 5.73
CA LEU D 113 22.63 4.32 4.93
C LEU D 113 22.19 5.25 3.81
N THR D 114 22.05 4.68 2.61
CA THR D 114 21.52 5.41 1.47
C THR D 114 20.00 5.36 1.50
N ARG D 115 19.35 6.07 0.57
CA ARG D 115 17.90 6.05 0.45
C ARG D 115 17.37 4.63 0.23
N LYS D 116 17.95 3.94 -0.76
CA LYS D 116 17.62 2.53 -1.01
C LYS D 116 17.99 1.67 0.20
N GLY D 117 19.06 2.04 0.88
CA GLY D 117 19.46 1.35 2.09
C GLY D 117 18.38 1.45 3.15
N LYS D 118 18.02 2.69 3.46
CA LYS D 118 17.02 2.98 4.48
C LYS D 118 15.73 2.24 4.20
N LYS D 119 15.39 2.13 2.93
CA LYS D 119 14.13 1.52 2.56
C LYS D 119 14.18 -0.02 2.55
N LYS D 120 15.33 -0.59 2.20
CA LYS D 120 15.48 -2.03 2.28
C LYS D 120 15.18 -2.51 3.70
N LEU D 121 15.85 -1.91 4.68
CA LEU D 121 15.59 -2.24 6.07
C LEU D 121 14.10 -2.08 6.33
N ALA D 122 13.48 -1.13 5.63
CA ALA D 122 12.06 -0.86 5.76
C ALA D 122 11.18 -1.96 5.14
N GLU D 123 11.56 -2.47 3.97
CA GLU D 123 10.85 -3.61 3.39
C GLU D 123 10.86 -4.79 4.34
N ILE D 124 12.02 -5.00 4.96
CA ILE D 124 12.30 -6.20 5.73
C ILE D 124 11.73 -6.20 7.16
N SER D 125 11.48 -5.01 7.69
CA SER D 125 10.94 -4.81 9.06
C SER D 125 10.00 -5.89 9.61
N PRO D 126 8.92 -6.19 8.86
CA PRO D 126 7.90 -7.09 9.38
C PRO D 126 8.44 -8.48 9.56
N LEU D 127 9.46 -8.82 8.79
CA LEU D 127 10.12 -10.11 8.93
C LEU D 127 10.89 -10.19 10.25
N ILE D 128 11.76 -9.19 10.46
CA ILE D 128 12.54 -9.08 11.68
C ILE D 128 11.70 -8.94 12.96
N ASN D 129 10.74 -8.02 12.96
CA ASN D 129 9.88 -7.85 14.12
C ASN D 129 8.99 -9.06 14.38
N ASP D 130 8.61 -9.75 13.31
CA ASP D 130 7.92 -11.03 13.42
C ASP D 130 8.85 -12.09 14.01
N PHE D 131 10.07 -12.18 13.50
CA PHE D 131 11.05 -13.14 14.01
C PHE D 131 11.34 -12.82 15.49
N HIS D 132 11.29 -11.55 15.82
CA HIS D 132 11.54 -11.06 17.16
C HIS D 132 10.38 -11.38 18.12
N ALA D 133 9.17 -11.30 17.60
CA ALA D 133 7.96 -11.64 18.35
C ALA D 133 7.88 -13.13 18.63
N GLU D 134 8.40 -13.94 17.72
CA GLU D 134 8.50 -15.37 17.96
C GLU D 134 9.41 -15.61 19.16
N LEU D 135 10.57 -14.96 19.13
CA LEU D 135 11.63 -15.17 20.13
C LEU D 135 11.25 -14.77 21.56
N VAL D 136 11.04 -13.48 21.79
CA VAL D 136 10.76 -12.96 23.12
C VAL D 136 9.25 -12.81 23.36
N GLY D 137 8.48 -13.63 22.64
CA GLY D 137 7.02 -13.51 22.59
C GLY D 137 6.26 -13.70 23.89
N ASN D 138 5.97 -14.94 24.25
CA ASN D 138 5.10 -15.17 25.40
C ASN D 138 5.75 -15.02 26.77
N VAL D 139 6.95 -14.46 26.79
CA VAL D 139 7.66 -14.17 28.04
C VAL D 139 6.98 -13.02 28.78
N ASP D 140 6.77 -13.20 30.08
CA ASP D 140 6.23 -12.14 30.91
C ASP D 140 6.96 -10.83 30.57
N PRO D 141 6.19 -9.78 30.25
CA PRO D 141 6.70 -8.49 29.78
C PRO D 141 7.71 -7.87 30.74
N ASP D 142 7.53 -8.10 32.04
CA ASP D 142 8.39 -7.55 33.08
C ASP D 142 9.65 -8.40 33.30
N LYS D 143 9.51 -9.72 33.20
CA LYS D 143 10.67 -10.59 33.29
C LYS D 143 11.60 -10.37 32.09
N LEU D 144 11.03 -9.97 30.96
CA LEU D 144 11.82 -9.72 29.77
C LEU D 144 12.61 -8.43 29.90
N GLN D 145 11.97 -7.37 30.38
CA GLN D 145 12.65 -6.09 30.61
C GLN D 145 13.84 -6.25 31.57
N THR D 146 13.65 -7.07 32.61
CA THR D 146 14.73 -7.42 33.54
C THR D 146 15.82 -8.19 32.82
N CYS D 147 15.42 -9.14 32.00
CA CYS D 147 16.36 -9.85 31.16
C CYS D 147 17.19 -8.85 30.35
N ILE D 148 16.52 -7.90 29.73
CA ILE D 148 17.22 -6.92 28.91
C ILE D 148 18.20 -6.11 29.77
N GLU D 149 17.75 -5.60 30.90
CA GLU D 149 18.55 -4.79 31.81
C GLU D 149 19.82 -5.50 32.22
N VAL D 150 19.68 -6.78 32.56
CA VAL D 150 20.81 -7.56 33.02
C VAL D 150 21.78 -7.78 31.88
N LEU D 151 21.28 -8.11 30.70
CA LEU D 151 22.16 -8.33 29.56
C LEU D 151 22.94 -7.06 29.21
N GLY D 152 22.34 -5.92 29.46
CA GLY D 152 22.98 -4.62 29.28
C GLY D 152 24.01 -4.27 30.35
N GLU D 153 23.72 -4.59 31.62
CA GLU D 153 24.74 -4.44 32.65
C GLU D 153 25.94 -5.24 32.20
N ILE D 154 25.74 -6.54 32.08
CA ILE D 154 26.82 -7.45 31.74
C ILE D 154 27.70 -6.91 30.61
N LEU D 155 27.10 -6.49 29.50
CA LEU D 155 27.87 -6.02 28.35
C LEU D 155 28.69 -4.76 28.67
N LYS D 156 28.02 -3.73 29.18
CA LYS D 156 28.67 -2.45 29.45
C LYS D 156 29.98 -2.63 30.22
N GLY D 157 29.95 -3.44 31.28
CA GLY D 157 31.12 -3.66 32.12
C GLY D 157 32.33 -4.18 31.37
N LYS D 158 32.07 -5.01 30.37
CA LYS D 158 33.10 -5.61 29.52
C LYS D 158 33.70 -4.64 28.51
N THR D 159 32.88 -3.78 27.92
CA THR D 159 33.36 -3.05 26.73
C THR D 159 33.18 -1.52 26.72
N ASP D 160 32.05 -1.04 27.21
CA ASP D 160 31.77 0.40 27.18
C ASP D 160 31.41 0.89 25.77
N TYR D 161 31.37 -0.04 24.82
CA TYR D 161 30.96 0.23 23.44
C TYR D 161 30.90 -1.04 22.59
N PRO E 11 -5.64 -4.78 -22.76
CA PRO E 11 -6.57 -3.73 -22.29
C PRO E 11 -6.24 -3.26 -20.88
N LYS E 12 -6.05 -1.96 -20.71
CA LYS E 12 -5.67 -1.38 -19.42
C LYS E 12 -6.85 -1.35 -18.44
N PRO E 13 -6.55 -1.26 -17.13
CA PRO E 13 -7.57 -1.13 -16.09
C PRO E 13 -8.27 0.22 -16.12
N SER E 14 -9.54 0.23 -15.74
CA SER E 14 -10.32 1.47 -15.70
C SER E 14 -11.50 1.31 -14.76
N PHE E 15 -12.17 2.42 -14.45
CA PHE E 15 -13.25 2.41 -13.46
C PHE E 15 -14.42 1.53 -13.89
N PRO E 16 -15.01 0.77 -12.94
CA PRO E 16 -14.58 0.64 -11.55
C PRO E 16 -13.42 -0.34 -11.46
N TYR E 17 -12.69 -0.30 -10.35
CA TYR E 17 -11.44 -1.06 -10.27
C TYR E 17 -11.58 -2.44 -9.65
N GLY E 18 -10.81 -3.39 -10.18
CA GLY E 18 -10.99 -4.79 -9.84
C GLY E 18 -10.07 -5.32 -8.75
N SER E 19 -9.09 -4.51 -8.36
CA SER E 19 -8.09 -4.96 -7.41
C SER E 19 -7.34 -3.80 -6.78
N PRO E 20 -6.77 -4.05 -5.58
CA PRO E 20 -5.94 -3.09 -4.84
C PRO E 20 -4.76 -2.57 -5.65
N GLY E 21 -4.11 -3.45 -6.40
CA GLY E 21 -3.05 -3.02 -7.28
C GLY E 21 -3.55 -1.92 -8.19
N GLU E 22 -4.67 -2.19 -8.86
CA GLU E 22 -5.29 -1.26 -9.83
C GLU E 22 -5.71 0.05 -9.19
N LEU E 23 -6.32 -0.05 -8.01
CA LEU E 23 -6.87 1.12 -7.35
C LEU E 23 -5.76 1.97 -6.82
N ASN E 24 -4.66 1.33 -6.47
CA ASN E 24 -3.50 2.02 -5.88
C ASN E 24 -2.63 2.62 -6.97
N SER E 25 -2.99 2.32 -8.21
CA SER E 25 -2.35 2.91 -9.37
C SER E 25 -3.28 3.97 -9.93
N PHE E 26 -4.29 4.31 -9.14
CA PHE E 26 -5.31 5.28 -9.54
C PHE E 26 -5.01 6.65 -8.92
N LEU E 27 -4.61 7.62 -9.75
CA LEU E 27 -4.01 8.85 -9.25
C LEU E 27 -4.83 9.58 -8.20
N PRO E 28 -6.16 9.70 -8.42
CA PRO E 28 -7.04 10.38 -7.45
C PRO E 28 -7.19 9.68 -6.11
N TYR E 29 -7.22 8.36 -6.11
CA TYR E 29 -7.31 7.64 -4.83
C TYR E 29 -6.03 7.91 -4.01
N LEU E 30 -4.88 7.83 -4.67
CA LEU E 30 -3.61 8.15 -4.05
C LEU E 30 -3.66 9.57 -3.52
N LEU E 31 -4.13 10.50 -4.33
CA LEU E 31 -4.23 11.88 -3.89
C LEU E 31 -5.08 11.98 -2.64
N THR E 32 -6.27 11.37 -2.67
CA THR E 32 -7.14 11.46 -1.50
C THR E 32 -6.55 10.79 -0.23
N ARG E 33 -5.97 9.60 -0.35
CA ARG E 33 -5.33 8.96 0.80
C ARG E 33 -4.26 9.86 1.42
N ILE E 34 -3.29 10.24 0.62
CA ILE E 34 -2.12 10.98 1.07
C ILE E 34 -2.46 12.31 1.68
N THR E 35 -3.07 13.17 0.88
CA THR E 35 -3.57 14.47 1.33
C THR E 35 -4.08 14.39 2.77
N HIS E 36 -5.05 13.52 2.97
CA HIS E 36 -5.59 13.24 4.29
C HIS E 36 -4.49 13.00 5.33
N ILE E 37 -3.66 11.99 5.10
CA ILE E 37 -2.54 11.74 5.99
C ILE E 37 -1.76 13.03 6.31
N TRP E 38 -1.41 13.76 5.25
CA TRP E 38 -0.64 14.99 5.38
C TRP E 38 -1.42 15.99 6.23
N SER E 39 -2.69 16.14 5.85
CA SER E 39 -3.65 16.97 6.55
C SER E 39 -3.74 16.64 8.04
N SER E 40 -4.11 15.40 8.34
CA SER E 40 -4.27 14.96 9.72
C SER E 40 -3.06 15.33 10.57
N GLU E 41 -1.92 14.77 10.18
CA GLU E 41 -0.61 15.04 10.79
C GLU E 41 -0.42 16.50 11.18
N LEU E 42 -0.49 17.40 10.21
CA LEU E 42 -0.26 18.81 10.46
C LEU E 42 -1.34 19.46 11.33
N ASN E 43 -2.51 18.84 11.41
CA ASN E 43 -3.59 19.35 12.23
C ASN E 43 -3.31 19.23 13.72
N GLN E 44 -2.97 18.02 14.15
CA GLN E 44 -2.63 17.80 15.54
C GLN E 44 -1.27 18.41 15.87
N ALA E 45 -0.48 18.66 14.84
CA ALA E 45 0.76 19.40 15.04
C ALA E 45 0.42 20.88 15.27
N LEU E 46 -0.33 21.47 14.34
CA LEU E 46 -0.71 22.88 14.42
C LEU E 46 -1.72 23.19 15.52
N ALA E 47 -2.29 22.13 16.09
CA ALA E 47 -3.29 22.31 17.14
C ALA E 47 -2.66 22.93 18.39
N SER E 48 -1.34 22.76 18.52
CA SER E 48 -0.63 23.16 19.73
C SER E 48 0.20 24.45 19.59
N GLU E 49 0.25 25.02 18.38
CA GLU E 49 1.09 26.20 18.16
C GLU E 49 0.30 27.46 17.78
N LYS E 50 -0.90 27.58 18.35
CA LYS E 50 -1.86 28.68 18.09
C LYS E 50 -1.81 29.24 16.66
N LEU E 51 -1.74 28.34 15.69
CA LEU E 51 -1.81 28.71 14.30
C LEU E 51 -2.60 27.65 13.58
N PRO E 52 -3.93 27.82 13.52
CA PRO E 52 -4.86 26.92 12.85
C PRO E 52 -4.44 26.64 11.42
N THR E 53 -4.74 25.45 10.93
CA THR E 53 -4.45 25.06 9.55
C THR E 53 -4.83 26.12 8.51
N PRO E 54 -6.12 26.57 8.51
CA PRO E 54 -6.54 27.53 7.49
C PRO E 54 -5.78 28.84 7.58
N LYS E 55 -5.49 29.32 8.79
CA LYS E 55 -4.67 30.52 8.91
C LYS E 55 -3.31 30.35 8.22
N LEU E 56 -2.63 29.23 8.47
CA LEU E 56 -1.33 29.01 7.83
C LEU E 56 -1.48 28.92 6.31
N ARG E 57 -2.57 28.28 5.87
CA ARG E 57 -2.80 28.09 4.45
C ARG E 57 -2.91 29.43 3.71
N LEU E 58 -3.42 30.43 4.42
CA LEU E 58 -3.50 31.77 3.88
C LEU E 58 -2.16 32.48 3.93
N LEU E 59 -1.53 32.48 5.12
CA LEU E 59 -0.22 33.12 5.31
C LEU E 59 0.86 32.51 4.39
N SER E 60 0.83 31.19 4.23
CA SER E 60 1.73 30.55 3.30
C SER E 60 1.49 31.08 1.89
N SER E 61 0.21 31.20 1.51
CA SER E 61 -0.19 31.80 0.24
C SER E 61 0.35 33.21 0.07
N LEU E 62 0.09 34.06 1.05
CA LEU E 62 0.50 35.48 1.03
C LEU E 62 2.02 35.69 0.99
N SER E 63 2.76 34.70 1.46
CA SER E 63 4.21 34.72 1.41
C SER E 63 4.72 34.37 0.01
N ALA E 64 3.98 33.49 -0.66
CA ALA E 64 4.36 33.00 -1.97
C ALA E 64 4.00 33.98 -3.08
N TYR E 65 2.75 34.45 -3.07
CA TYR E 65 2.24 35.26 -4.16
C TYR E 65 2.21 36.77 -3.89
N GLY E 66 2.37 37.17 -2.64
CA GLY E 66 2.27 38.58 -2.27
C GLY E 66 0.83 39.02 -2.04
N GLU E 67 0.43 40.10 -2.71
CA GLU E 67 -0.89 40.69 -2.53
C GLU E 67 -2.00 39.78 -3.08
N LEU E 68 -3.01 39.48 -2.27
CA LEU E 68 -4.11 38.62 -2.71
C LEU E 68 -5.45 39.13 -2.27
N THR E 69 -6.42 39.04 -3.18
CA THR E 69 -7.82 39.23 -2.85
C THR E 69 -8.33 37.99 -2.13
N VAL E 70 -9.51 38.09 -1.53
CA VAL E 70 -10.08 36.97 -0.82
C VAL E 70 -10.32 35.79 -1.77
N GLY E 71 -10.57 36.11 -3.04
CA GLY E 71 -10.80 35.10 -4.05
C GLY E 71 -9.54 34.31 -4.38
N GLN E 72 -8.45 35.03 -4.64
CA GLN E 72 -7.14 34.41 -4.85
C GLN E 72 -6.64 33.66 -3.60
N LEU E 73 -7.07 34.13 -2.43
CA LEU E 73 -6.78 33.41 -1.19
C LEU E 73 -7.65 32.15 -1.10
N ALA E 74 -8.93 32.30 -1.42
CA ALA E 74 -9.88 31.19 -1.37
C ALA E 74 -9.40 30.04 -2.22
N THR E 75 -8.95 30.35 -3.43
CA THR E 75 -8.52 29.33 -4.40
C THR E 75 -7.16 28.67 -4.10
N LEU E 76 -6.16 29.48 -3.74
CA LEU E 76 -4.83 28.94 -3.43
C LEU E 76 -4.83 28.17 -2.13
N GLY E 77 -5.74 28.55 -1.23
CA GLY E 77 -5.80 27.95 0.09
C GLY E 77 -6.91 26.93 0.15
N VAL E 78 -7.39 26.53 -1.03
CA VAL E 78 -8.49 25.59 -1.14
C VAL E 78 -9.47 25.78 0.03
N MSE E 79 -10.04 26.97 0.09
CA MSE E 79 -11.12 27.26 1.00
C MSE E 79 -12.18 28.11 0.31
O MSE E 79 -11.89 28.94 -0.55
CB MSE E 79 -10.61 28.03 2.22
CG MSE E 79 -9.70 27.21 3.09
SE MSE E 79 -8.55 28.34 4.16
CE MSE E 79 -9.88 29.55 4.87
N GLU E 80 -13.42 27.85 0.69
CA GLU E 80 -14.54 28.65 0.27
C GLU E 80 -14.31 30.12 0.62
N GLN E 81 -14.64 31.02 -0.30
CA GLN E 81 -14.38 32.45 -0.13
C GLN E 81 -14.87 33.09 1.17
N SER E 82 -15.98 32.63 1.71
CA SER E 82 -16.53 33.16 2.95
C SER E 82 -15.71 32.75 4.15
N THR E 83 -15.33 31.48 4.21
CA THR E 83 -14.49 31.04 5.29
C THR E 83 -13.12 31.70 5.13
N THR E 84 -12.81 32.12 3.92
CA THR E 84 -11.54 32.79 3.63
C THR E 84 -11.60 34.29 3.98
N SER E 85 -12.76 34.90 3.80
CA SER E 85 -12.96 36.27 4.24
C SER E 85 -12.92 36.34 5.77
N ARG E 86 -13.64 35.43 6.41
CA ARG E 86 -13.65 35.37 7.87
C ARG E 86 -12.29 34.97 8.41
N THR E 87 -11.58 34.09 7.71
CA THR E 87 -10.21 33.77 8.10
C THR E 87 -9.31 35.01 8.10
N VAL E 88 -9.14 35.63 6.94
CA VAL E 88 -8.42 36.91 6.77
C VAL E 88 -8.75 37.93 7.85
N ASP E 89 -10.03 38.00 8.20
CA ASP E 89 -10.53 38.93 9.19
C ASP E 89 -9.85 38.73 10.55
N GLN E 90 -9.59 37.47 10.87
CA GLN E 90 -8.94 37.14 12.13
C GLN E 90 -7.44 37.32 11.99
N LEU E 91 -6.92 37.14 10.79
CA LEU E 91 -5.52 37.39 10.55
C LEU E 91 -5.27 38.88 10.73
N VAL E 92 -6.22 39.69 10.24
CA VAL E 92 -6.14 41.15 10.37
C VAL E 92 -6.41 41.62 11.80
N ASP E 93 -7.18 40.87 12.58
CA ASP E 93 -7.32 41.18 14.01
C ASP E 93 -6.09 40.79 14.86
N GLU E 94 -5.25 39.90 14.35
CA GLU E 94 -4.00 39.53 15.05
C GLU E 94 -2.82 40.36 14.58
N GLY E 95 -2.89 40.95 13.39
CA GLY E 95 -1.80 41.75 12.88
C GLY E 95 -0.87 40.93 12.01
N LEU E 96 -1.33 39.76 11.58
CA LEU E 96 -0.54 38.85 10.75
C LEU E 96 -0.75 39.15 9.27
N ALA E 97 -1.88 39.77 8.95
CA ALA E 97 -2.17 40.26 7.61
C ALA E 97 -2.79 41.65 7.68
N ALA E 98 -2.82 42.34 6.54
CA ALA E 98 -3.38 43.67 6.45
C ALA E 98 -4.14 43.81 5.14
N ARG E 99 -5.28 44.51 5.20
CA ARG E 99 -6.02 44.87 4.01
C ARG E 99 -5.36 46.04 3.30
N SER E 100 -5.60 46.16 2.00
CA SER E 100 -5.14 47.30 1.23
C SER E 100 -5.94 47.32 -0.06
N ILE E 101 -5.58 48.16 -1.02
CA ILE E 101 -6.38 48.27 -2.24
C ILE E 101 -5.68 47.77 -3.50
N SER E 102 -6.45 47.15 -4.38
CA SER E 102 -5.96 46.60 -5.65
C SER E 102 -4.47 46.87 -5.91
N ARG E 107 -10.28 47.75 -8.79
CA ARG E 107 -10.35 48.17 -7.40
C ARG E 107 -11.17 47.23 -6.52
N LYS E 108 -10.55 46.14 -6.08
CA LYS E 108 -11.04 45.43 -4.91
C LYS E 108 -9.98 45.39 -3.79
N ARG E 109 -10.43 45.06 -2.58
CA ARG E 109 -9.63 45.22 -1.36
C ARG E 109 -8.72 44.01 -1.04
N THR E 110 -7.43 44.16 -1.30
CA THR E 110 -6.47 43.07 -1.18
C THR E 110 -6.03 42.74 0.25
N VAL E 111 -5.17 41.72 0.37
CA VAL E 111 -4.59 41.30 1.64
C VAL E 111 -3.11 41.03 1.47
N VAL E 112 -2.29 41.56 2.37
CA VAL E 112 -0.86 41.28 2.34
C VAL E 112 -0.31 40.82 3.67
N LEU E 113 0.87 40.21 3.60
CA LEU E 113 1.54 39.70 4.76
C LEU E 113 2.15 40.86 5.54
N THR E 114 1.87 40.92 6.83
CA THR E 114 2.59 41.83 7.72
C THR E 114 3.94 41.25 8.12
N ARG E 115 4.73 42.04 8.84
CA ARG E 115 5.97 41.51 9.40
C ARG E 115 5.71 40.56 10.56
N LYS E 116 4.76 40.91 11.43
CA LYS E 116 4.27 39.96 12.42
C LYS E 116 3.91 38.65 11.69
N GLY E 117 3.24 38.77 10.54
CA GLY E 117 2.83 37.64 9.73
C GLY E 117 4.00 36.86 9.14
N LYS E 118 4.94 37.57 8.49
CA LYS E 118 6.15 36.92 8.00
C LYS E 118 6.90 36.17 9.11
N LYS E 119 6.68 36.59 10.35
CA LYS E 119 7.44 36.15 11.52
C LYS E 119 6.95 34.80 12.04
N LYS E 120 5.64 34.63 12.12
CA LYS E 120 5.05 33.36 12.57
C LYS E 120 5.21 32.26 11.51
N LEU E 121 5.21 32.64 10.23
CA LEU E 121 5.52 31.72 9.13
C LEU E 121 6.91 31.12 9.31
N ALA E 122 7.85 31.99 9.68
CA ALA E 122 9.21 31.57 10.01
C ALA E 122 9.19 30.64 11.21
N GLU E 123 8.58 31.09 12.30
CA GLU E 123 8.47 30.27 13.50
C GLU E 123 7.77 28.93 13.27
N ILE E 124 7.27 28.70 12.07
CA ILE E 124 6.47 27.51 11.82
C ILE E 124 6.98 26.70 10.63
N SER E 125 7.95 27.26 9.91
CA SER E 125 8.46 26.62 8.69
C SER E 125 9.16 25.26 8.93
N PRO E 126 10.00 25.16 9.97
CA PRO E 126 10.68 23.90 10.24
C PRO E 126 9.71 22.72 10.35
N LEU E 127 8.67 22.87 11.16
CA LEU E 127 7.72 21.78 11.32
C LEU E 127 7.27 21.30 9.96
N ILE E 128 6.98 22.28 9.11
CA ILE E 128 6.53 22.02 7.75
C ILE E 128 7.57 21.25 6.97
N ASN E 129 8.81 21.76 6.93
CA ASN E 129 9.87 21.07 6.22
C ASN E 129 10.27 19.78 6.89
N ASP E 130 10.00 19.70 8.18
CA ASP E 130 10.09 18.44 8.90
C ASP E 130 9.06 17.45 8.36
N PHE E 131 7.78 17.77 8.56
CA PHE E 131 6.73 16.88 8.10
C PHE E 131 6.83 16.53 6.62
N HIS E 132 7.40 17.45 5.85
CA HIS E 132 7.55 17.31 4.41
C HIS E 132 8.64 16.28 4.10
N ALA E 133 9.69 16.29 4.91
CA ALA E 133 10.77 15.34 4.72
C ALA E 133 10.41 13.99 5.28
N GLU E 134 9.57 13.96 6.32
CA GLU E 134 9.08 12.69 6.82
C GLU E 134 8.07 12.11 5.85
N LEU E 135 7.61 12.95 4.93
CA LEU E 135 6.65 12.53 3.91
C LEU E 135 7.38 12.21 2.59
N VAL E 136 8.44 12.96 2.30
CA VAL E 136 9.08 12.91 0.99
C VAL E 136 10.57 12.53 1.05
N GLY E 137 11.00 12.01 2.21
CA GLY E 137 12.40 11.77 2.48
C GLY E 137 13.09 10.66 1.70
N ASN E 138 12.50 9.47 1.72
CA ASN E 138 13.16 8.30 1.13
C ASN E 138 12.91 8.11 -0.37
N VAL E 139 12.43 9.15 -1.02
CA VAL E 139 12.07 9.09 -2.42
C VAL E 139 13.25 9.43 -3.31
N ASP E 140 13.49 8.64 -4.36
CA ASP E 140 14.55 8.94 -5.31
C ASP E 140 14.40 10.36 -5.86
N PRO E 141 15.35 11.24 -5.51
CA PRO E 141 15.32 12.68 -5.81
C PRO E 141 15.05 13.02 -7.29
N ASP E 142 15.29 12.09 -8.21
CA ASP E 142 14.97 12.33 -9.62
C ASP E 142 13.53 11.92 -9.93
N LYS E 143 13.06 10.84 -9.31
CA LYS E 143 11.69 10.40 -9.50
C LYS E 143 10.71 11.30 -8.76
N LEU E 144 11.15 11.88 -7.64
CA LEU E 144 10.28 12.82 -6.94
C LEU E 144 10.13 14.09 -7.78
N GLN E 145 11.24 14.66 -8.23
CA GLN E 145 11.21 15.87 -9.05
C GLN E 145 10.25 15.67 -10.22
N THR E 146 10.36 14.53 -10.88
CA THR E 146 9.44 14.16 -11.96
C THR E 146 7.98 14.05 -11.48
N CYS E 147 7.78 13.54 -10.27
CA CYS E 147 6.42 13.43 -9.70
C CYS E 147 5.77 14.79 -9.42
N ILE E 148 6.57 15.80 -9.09
CA ILE E 148 6.04 17.13 -8.82
C ILE E 148 5.68 17.88 -10.12
N GLU E 149 6.51 17.66 -11.14
CA GLU E 149 6.27 18.22 -12.47
C GLU E 149 4.95 17.78 -13.13
N VAL E 150 4.60 16.50 -12.95
CA VAL E 150 3.35 15.96 -13.50
C VAL E 150 2.12 16.50 -12.77
N LEU E 151 2.20 16.58 -11.45
CA LEU E 151 1.12 17.17 -10.64
C LEU E 151 0.91 18.62 -11.03
N GLY E 152 2.00 19.35 -11.19
CA GLY E 152 1.94 20.72 -11.65
C GLY E 152 1.33 20.83 -13.03
N GLU E 153 1.78 19.98 -13.96
CA GLU E 153 1.20 19.99 -15.29
C GLU E 153 -0.29 19.74 -15.17
N ILE E 154 -0.66 18.80 -14.32
CA ILE E 154 -2.06 18.47 -14.09
C ILE E 154 -2.80 19.63 -13.43
N LEU E 155 -2.16 20.28 -12.47
CA LEU E 155 -2.77 21.44 -11.80
C LEU E 155 -3.00 22.53 -12.83
N LYS E 156 -1.96 22.80 -13.61
CA LYS E 156 -2.02 23.81 -14.66
C LYS E 156 -3.19 23.53 -15.59
N GLY E 157 -3.64 22.29 -15.60
CA GLY E 157 -4.68 21.83 -16.52
C GLY E 157 -6.12 22.05 -16.09
N LYS E 158 -6.50 21.56 -14.91
CA LYS E 158 -7.90 21.70 -14.48
C LYS E 158 -8.17 23.03 -13.79
N THR E 159 -7.14 23.83 -13.57
CA THR E 159 -7.31 25.24 -13.20
C THR E 159 -6.14 26.05 -13.70
N ASP E 160 -6.44 26.98 -14.60
CA ASP E 160 -5.44 27.93 -15.05
C ASP E 160 -5.28 29.06 -14.02
N TYR E 161 -5.24 28.67 -12.74
CA TYR E 161 -4.71 29.48 -11.64
C TYR E 161 -4.73 28.74 -10.29
N PRO F 13 16.95 24.13 -4.36
CA PRO F 13 16.48 24.87 -3.18
C PRO F 13 15.07 24.39 -2.72
N SER F 14 14.35 25.08 -1.83
CA SER F 14 13.19 24.41 -1.21
C SER F 14 12.16 25.11 -0.26
N PHE F 15 12.19 26.44 -0.11
CA PHE F 15 11.48 27.13 1.00
C PHE F 15 10.32 26.46 1.81
N PRO F 16 9.11 26.26 1.22
CA PRO F 16 8.57 26.47 -0.15
C PRO F 16 7.79 27.77 -0.38
N TYR F 17 7.70 28.68 0.58
CA TYR F 17 6.80 29.81 0.44
C TYR F 17 7.53 31.01 -0.16
N GLY F 18 8.57 30.76 -0.92
CA GLY F 18 9.35 31.82 -1.49
C GLY F 18 8.63 32.55 -2.59
N SER F 19 8.10 31.80 -3.55
CA SER F 19 7.39 32.40 -4.67
C SER F 19 6.38 31.42 -5.28
N PRO F 20 5.62 31.88 -6.28
CA PRO F 20 4.64 31.04 -7.00
C PRO F 20 5.28 29.81 -7.62
N GLY F 21 6.59 29.87 -7.84
CA GLY F 21 7.34 28.77 -8.39
C GLY F 21 7.86 27.84 -7.31
N GLU F 22 8.02 28.37 -6.10
CA GLU F 22 8.40 27.54 -4.98
C GLU F 22 7.16 26.86 -4.42
N LEU F 23 6.04 27.56 -4.36
CA LEU F 23 4.79 26.91 -3.98
C LEU F 23 4.47 25.75 -4.95
N ASN F 24 4.86 25.92 -6.20
CA ASN F 24 4.68 24.88 -7.22
C ASN F 24 5.48 23.62 -6.95
N SER F 25 6.40 23.69 -6.00
CA SER F 25 7.28 22.57 -5.68
C SER F 25 6.82 21.83 -4.43
N PHE F 26 5.90 22.42 -3.70
CA PHE F 26 5.39 21.83 -2.46
C PHE F 26 4.28 20.80 -2.74
N LEU F 27 4.61 19.52 -2.55
CA LEU F 27 3.68 18.42 -2.85
C LEU F 27 2.34 18.49 -2.10
N PRO F 28 2.39 18.72 -0.77
CA PRO F 28 1.17 18.92 0.02
C PRO F 28 0.23 19.89 -0.67
N TYR F 29 0.79 20.95 -1.24
CA TYR F 29 0.03 21.95 -1.97
C TYR F 29 -0.59 21.38 -3.26
N LEU F 30 0.24 20.81 -4.14
CA LEU F 30 -0.26 20.25 -5.39
C LEU F 30 -1.33 19.18 -5.17
N LEU F 31 -1.08 18.36 -4.16
CA LEU F 31 -2.01 17.30 -3.75
C LEU F 31 -3.36 17.86 -3.31
N THR F 32 -3.34 18.71 -2.29
CA THR F 32 -4.55 19.24 -1.65
C THR F 32 -5.40 19.94 -2.68
N ARG F 33 -4.70 20.63 -3.57
CA ARG F 33 -5.26 21.43 -4.65
C ARG F 33 -6.02 20.60 -5.65
N ILE F 34 -5.35 19.57 -6.16
CA ILE F 34 -5.86 18.73 -7.21
C ILE F 34 -6.88 17.75 -6.67
N THR F 35 -6.73 17.31 -5.42
CA THR F 35 -7.72 16.42 -4.84
C THR F 35 -9.03 17.17 -4.82
N HIS F 36 -8.95 18.43 -4.40
CA HIS F 36 -10.15 19.26 -4.36
C HIS F 36 -10.75 19.47 -5.75
N ILE F 37 -9.94 19.90 -6.71
CA ILE F 37 -10.40 20.03 -8.08
C ILE F 37 -11.13 18.77 -8.55
N TRP F 38 -10.68 17.62 -8.07
CA TRP F 38 -11.25 16.33 -8.48
C TRP F 38 -12.50 15.98 -7.68
N SER F 39 -12.36 16.01 -6.36
CA SER F 39 -13.49 15.76 -5.47
C SER F 39 -14.68 16.69 -5.69
N SER F 40 -14.42 17.99 -5.82
CA SER F 40 -15.52 18.92 -6.03
C SER F 40 -16.19 18.76 -7.42
N GLU F 41 -15.38 18.66 -8.48
CA GLU F 41 -15.94 18.47 -9.83
C GLU F 41 -16.84 17.25 -9.89
N LEU F 42 -16.33 16.10 -9.46
CA LEU F 42 -17.11 14.88 -9.51
C LEU F 42 -18.36 15.01 -8.64
N ASN F 43 -18.23 15.77 -7.56
CA ASN F 43 -19.33 15.93 -6.61
C ASN F 43 -20.53 16.60 -7.26
N GLN F 44 -20.25 17.60 -8.08
CA GLN F 44 -21.30 18.36 -8.76
C GLN F 44 -21.75 17.70 -10.07
N ALA F 45 -20.92 16.82 -10.64
CA ALA F 45 -21.26 16.06 -11.85
C ALA F 45 -22.08 14.79 -11.55
N LEU F 46 -22.18 14.41 -10.27
CA LEU F 46 -22.93 13.22 -9.88
C LEU F 46 -23.91 13.47 -8.74
N ALA F 47 -24.59 14.60 -8.77
CA ALA F 47 -25.53 14.93 -7.71
C ALA F 47 -26.84 14.16 -7.90
N SER F 48 -27.32 14.17 -9.14
CA SER F 48 -28.55 13.49 -9.50
C SER F 48 -28.42 11.95 -9.51
N GLU F 49 -27.19 11.43 -9.48
CA GLU F 49 -27.01 10.00 -9.31
C GLU F 49 -27.07 9.68 -7.85
N LYS F 50 -27.05 10.73 -7.01
CA LYS F 50 -26.99 10.60 -5.55
C LYS F 50 -25.68 9.99 -5.07
N LEU F 51 -24.58 10.39 -5.71
CA LEU F 51 -23.28 9.85 -5.37
C LEU F 51 -22.32 10.92 -4.92
N PRO F 52 -22.59 11.49 -3.74
CA PRO F 52 -21.63 12.42 -3.13
C PRO F 52 -20.29 11.71 -3.09
N THR F 53 -19.18 12.44 -3.02
CA THR F 53 -17.87 11.79 -3.03
C THR F 53 -17.71 10.71 -1.96
N PRO F 54 -18.07 10.99 -0.71
CA PRO F 54 -18.10 9.97 0.33
C PRO F 54 -18.81 8.65 -0.07
N LYS F 55 -19.85 8.71 -0.90
CA LYS F 55 -20.54 7.49 -1.34
C LYS F 55 -19.83 6.80 -2.50
N LEU F 56 -19.17 7.59 -3.35
CA LEU F 56 -18.48 7.03 -4.51
C LEU F 56 -17.22 6.28 -4.08
N ARG F 57 -16.56 6.80 -3.05
CA ARG F 57 -15.35 6.20 -2.50
C ARG F 57 -15.67 4.86 -1.89
N LEU F 58 -16.74 4.80 -1.09
CA LEU F 58 -17.10 3.53 -0.49
C LEU F 58 -17.34 2.55 -1.63
N LEU F 59 -18.19 2.97 -2.56
CA LEU F 59 -18.46 2.17 -3.73
C LEU F 59 -17.16 1.76 -4.45
N SER F 60 -16.36 2.73 -4.85
CA SER F 60 -15.23 2.45 -5.73
C SER F 60 -14.24 1.48 -5.09
N SER F 61 -14.23 1.42 -3.77
CA SER F 61 -13.32 0.55 -3.02
C SER F 61 -13.95 -0.84 -2.86
N LEU F 62 -15.25 -0.88 -2.63
CA LEU F 62 -15.97 -2.15 -2.54
C LEU F 62 -15.76 -2.90 -3.84
N SER F 63 -15.55 -2.13 -4.92
CA SER F 63 -15.33 -2.66 -6.25
C SER F 63 -13.95 -3.30 -6.41
N ALA F 64 -12.99 -2.81 -5.63
CA ALA F 64 -11.58 -3.23 -5.79
C ALA F 64 -11.18 -4.37 -4.84
N TYR F 65 -11.61 -4.26 -3.58
CA TYR F 65 -11.25 -5.23 -2.56
C TYR F 65 -12.32 -6.28 -2.47
N GLY F 66 -13.35 -6.10 -3.30
CA GLY F 66 -14.44 -7.05 -3.38
C GLY F 66 -15.32 -7.06 -2.15
N GLU F 67 -14.69 -7.13 -0.98
CA GLU F 67 -15.39 -7.25 0.29
C GLU F 67 -14.56 -6.58 1.38
N LEU F 68 -15.22 -5.84 2.24
CA LEU F 68 -14.56 -4.94 3.19
C LEU F 68 -15.42 -4.70 4.43
N THR F 69 -14.79 -4.45 5.57
CA THR F 69 -15.52 -4.04 6.78
C THR F 69 -15.53 -2.51 6.90
N VAL F 70 -16.56 -1.95 7.53
CA VAL F 70 -16.61 -0.50 7.70
C VAL F 70 -15.35 0.05 8.39
N GLY F 71 -14.65 -0.80 9.14
CA GLY F 71 -13.36 -0.41 9.68
C GLY F 71 -12.38 -0.16 8.55
N GLN F 72 -12.41 -1.05 7.56
CA GLN F 72 -11.58 -0.95 6.37
C GLN F 72 -12.04 0.20 5.45
N LEU F 73 -13.35 0.32 5.25
CA LEU F 73 -13.89 1.35 4.35
C LEU F 73 -13.58 2.77 4.82
N ALA F 74 -13.40 2.92 6.14
CA ALA F 74 -13.16 4.22 6.76
C ALA F 74 -11.71 4.66 6.55
N THR F 75 -10.84 3.67 6.44
CA THR F 75 -9.42 3.91 6.26
C THR F 75 -9.11 4.14 4.77
N LEU F 76 -9.66 3.30 3.91
CA LEU F 76 -9.51 3.49 2.47
C LEU F 76 -10.23 4.72 1.95
N GLY F 77 -11.40 5.02 2.54
CA GLY F 77 -12.24 6.14 2.10
C GLY F 77 -12.09 7.42 2.92
N VAL F 78 -10.89 7.64 3.47
CA VAL F 78 -10.60 8.77 4.39
C VAL F 78 -11.82 9.35 5.10
N MSE F 79 -12.27 8.65 6.13
CA MSE F 79 -13.52 8.95 6.80
C MSE F 79 -13.45 8.28 8.17
O MSE F 79 -12.59 7.43 8.39
CB MSE F 79 -14.67 8.34 6.01
CG MSE F 79 -15.76 9.31 5.63
SE MSE F 79 -17.05 8.46 4.46
CE MSE F 79 -15.85 7.34 3.39
N GLU F 80 -14.34 8.66 9.07
CA GLU F 80 -14.33 8.05 10.42
C GLU F 80 -15.33 6.92 10.50
N GLN F 81 -15.16 6.07 11.50
CA GLN F 81 -16.02 4.90 11.63
C GLN F 81 -17.50 5.29 11.74
N SER F 82 -17.81 6.23 12.61
CA SER F 82 -19.16 6.76 12.66
C SER F 82 -19.58 7.21 11.26
N THR F 83 -18.78 8.09 10.66
CA THR F 83 -19.11 8.67 9.37
C THR F 83 -19.27 7.59 8.32
N THR F 84 -18.39 6.58 8.39
CA THR F 84 -18.40 5.47 7.43
C THR F 84 -19.54 4.50 7.73
N SER F 85 -19.69 4.13 8.98
CA SER F 85 -20.74 3.21 9.38
C SER F 85 -22.08 3.82 8.99
N ARG F 86 -22.15 5.15 9.00
CA ARG F 86 -23.37 5.86 8.64
C ARG F 86 -23.49 6.12 7.13
N THR F 87 -22.36 6.06 6.41
CA THR F 87 -22.38 6.18 4.96
C THR F 87 -22.79 4.86 4.32
N VAL F 88 -22.41 3.75 4.95
CA VAL F 88 -22.77 2.44 4.44
C VAL F 88 -24.23 2.13 4.67
N ASP F 89 -24.78 2.69 5.74
CA ASP F 89 -26.21 2.54 6.03
C ASP F 89 -27.00 3.04 4.83
N GLN F 90 -26.63 4.22 4.34
CA GLN F 90 -27.27 4.82 3.17
C GLN F 90 -27.18 3.96 1.89
N LEU F 91 -26.01 3.37 1.65
CA LEU F 91 -25.81 2.56 0.44
C LEU F 91 -26.59 1.24 0.50
N VAL F 92 -26.76 0.69 1.70
CA VAL F 92 -27.60 -0.49 1.90
C VAL F 92 -29.07 -0.12 1.71
N ASP F 93 -29.46 1.05 2.20
CA ASP F 93 -30.82 1.55 2.03
C ASP F 93 -31.11 1.81 0.54
N GLU F 94 -30.12 2.33 -0.15
CA GLU F 94 -30.27 2.62 -1.58
C GLU F 94 -30.20 1.33 -2.43
N GLY F 95 -29.74 0.24 -1.82
CA GLY F 95 -29.69 -1.06 -2.48
C GLY F 95 -28.36 -1.32 -3.16
N LEU F 96 -27.45 -0.35 -3.06
CA LEU F 96 -26.18 -0.38 -3.79
C LEU F 96 -25.13 -1.35 -3.24
N ALA F 97 -25.16 -1.55 -1.92
CA ALA F 97 -24.22 -2.44 -1.24
C ALA F 97 -24.92 -3.21 -0.12
N ALA F 98 -24.25 -4.20 0.46
CA ALA F 98 -24.89 -5.08 1.44
C ALA F 98 -23.98 -5.53 2.58
N ARG F 99 -24.60 -5.83 3.72
CA ARG F 99 -23.88 -6.32 4.90
C ARG F 99 -23.88 -7.85 4.96
N SER F 100 -22.69 -8.43 5.14
CA SER F 100 -22.53 -9.88 5.04
C SER F 100 -21.75 -10.50 6.22
N ILE F 101 -21.10 -11.65 5.97
CA ILE F 101 -20.48 -12.46 7.01
C ILE F 101 -19.24 -13.20 6.48
N SER F 102 -18.29 -13.53 7.37
CA SER F 102 -17.07 -14.22 6.96
C SER F 102 -17.05 -15.71 7.28
N GLN F 106 -11.59 -16.51 10.68
CA GLN F 106 -12.29 -15.68 11.66
C GLN F 106 -13.51 -14.99 11.03
N ARG F 107 -14.48 -14.62 11.86
CA ARG F 107 -15.77 -14.12 11.38
C ARG F 107 -16.01 -12.65 11.78
N LYS F 108 -16.17 -11.78 10.77
CA LYS F 108 -16.51 -10.39 11.03
C LYS F 108 -17.68 -9.97 10.13
N ARG F 109 -18.24 -8.79 10.40
CA ARG F 109 -19.37 -8.28 9.63
C ARG F 109 -18.89 -7.33 8.53
N THR F 110 -18.82 -7.84 7.30
CA THR F 110 -18.30 -7.05 6.19
C THR F 110 -19.37 -6.42 5.30
N VAL F 111 -18.92 -5.91 4.16
CA VAL F 111 -19.76 -5.16 3.23
C VAL F 111 -19.40 -5.67 1.84
N VAL F 112 -20.34 -5.59 0.90
CA VAL F 112 -20.04 -5.93 -0.49
C VAL F 112 -20.92 -5.15 -1.47
N LEU F 113 -20.52 -5.18 -2.74
CA LEU F 113 -21.28 -4.56 -3.82
C LEU F 113 -22.33 -5.51 -4.36
N THR F 114 -23.59 -5.07 -4.32
CA THR F 114 -24.68 -5.82 -4.91
C THR F 114 -24.63 -5.74 -6.43
N ARG F 115 -25.50 -6.50 -7.09
CA ARG F 115 -25.65 -6.38 -8.53
C ARG F 115 -25.94 -4.93 -8.89
N LYS F 116 -26.92 -4.35 -8.19
CA LYS F 116 -27.27 -2.94 -8.36
C LYS F 116 -26.05 -2.05 -8.13
N GLY F 117 -25.26 -2.37 -7.11
CA GLY F 117 -24.00 -1.67 -6.91
C GLY F 117 -23.16 -1.70 -8.17
N LYS F 118 -22.82 -2.89 -8.64
CA LYS F 118 -21.97 -3.08 -9.81
C LYS F 118 -22.57 -2.41 -11.03
N LYS F 119 -23.88 -2.56 -11.17
CA LYS F 119 -24.57 -1.92 -12.26
C LYS F 119 -24.28 -0.41 -12.24
N LYS F 120 -24.50 0.23 -11.10
CA LYS F 120 -24.36 1.69 -11.01
C LYS F 120 -22.93 2.20 -11.15
N LEU F 121 -21.95 1.34 -10.93
CA LEU F 121 -20.55 1.73 -11.10
C LEU F 121 -20.25 1.72 -12.59
N ALA F 122 -20.85 0.77 -13.28
CA ALA F 122 -20.61 0.63 -14.70
C ALA F 122 -21.38 1.70 -15.48
N GLU F 123 -22.51 2.13 -14.92
CA GLU F 123 -23.30 3.21 -15.51
C GLU F 123 -22.54 4.53 -15.45
N ILE F 124 -22.08 4.90 -14.26
CA ILE F 124 -21.34 6.15 -14.09
C ILE F 124 -19.88 6.04 -14.52
N SER F 125 -19.46 4.84 -14.95
CA SER F 125 -18.05 4.62 -15.25
C SER F 125 -17.53 5.35 -16.50
N PRO F 126 -18.35 5.53 -17.53
CA PRO F 126 -17.71 6.28 -18.61
C PRO F 126 -17.50 7.73 -18.23
N LEU F 127 -18.37 8.24 -17.37
CA LEU F 127 -18.21 9.60 -16.92
C LEU F 127 -16.92 9.71 -16.11
N ILE F 128 -16.74 8.75 -15.20
CA ILE F 128 -15.57 8.76 -14.32
C ILE F 128 -14.30 8.73 -15.16
N ASN F 129 -14.27 7.87 -16.17
CA ASN F 129 -13.08 7.66 -17.00
C ASN F 129 -12.82 8.83 -17.92
N ASP F 130 -13.89 9.51 -18.32
CA ASP F 130 -13.78 10.78 -19.03
C ASP F 130 -13.07 11.83 -18.19
N PHE F 131 -13.50 11.99 -16.93
CA PHE F 131 -12.81 12.92 -16.02
C PHE F 131 -11.33 12.56 -15.80
N HIS F 132 -11.03 11.27 -15.75
CA HIS F 132 -9.65 10.81 -15.61
C HIS F 132 -8.74 11.21 -16.78
N ALA F 133 -9.18 10.88 -17.99
CA ALA F 133 -8.48 11.28 -19.19
C ALA F 133 -8.28 12.79 -19.27
N GLU F 134 -9.28 13.55 -18.82
CA GLU F 134 -9.20 15.03 -18.82
C GLU F 134 -8.13 15.60 -17.90
N LEU F 135 -7.75 14.83 -16.88
CA LEU F 135 -6.84 15.27 -15.80
C LEU F 135 -5.37 15.00 -16.08
N VAL F 136 -5.06 13.73 -16.35
CA VAL F 136 -3.71 13.34 -16.72
C VAL F 136 -3.50 13.60 -18.20
N GLY F 137 -4.34 14.49 -18.74
CA GLY F 137 -4.46 14.78 -20.16
C GLY F 137 -3.23 14.68 -21.06
N ASN F 138 -2.46 15.76 -21.11
CA ASN F 138 -1.30 15.82 -21.97
C ASN F 138 0.00 15.50 -21.23
N VAL F 139 -0.12 14.61 -20.25
CA VAL F 139 1.01 14.18 -19.46
C VAL F 139 1.63 12.97 -20.12
N ASP F 140 2.92 13.07 -20.42
CA ASP F 140 3.66 11.95 -20.97
C ASP F 140 3.33 10.71 -20.16
N PRO F 141 3.01 9.60 -20.86
CA PRO F 141 2.45 8.40 -20.22
C PRO F 141 3.49 7.70 -19.37
N ASP F 142 4.76 7.81 -19.74
CA ASP F 142 5.86 7.26 -18.96
C ASP F 142 6.09 8.15 -17.75
N LYS F 143 6.10 9.46 -17.98
CA LYS F 143 6.16 10.45 -16.90
C LYS F 143 5.02 10.25 -15.89
N LEU F 144 3.80 10.02 -16.39
CA LEU F 144 2.66 9.80 -15.51
C LEU F 144 2.86 8.57 -14.64
N GLN F 145 3.57 7.57 -15.18
CA GLN F 145 3.78 6.31 -14.46
C GLN F 145 4.77 6.47 -13.33
N THR F 146 5.86 7.19 -13.58
CA THR F 146 6.82 7.53 -12.53
C THR F 146 6.14 8.26 -11.37
N CYS F 147 5.29 9.25 -11.69
CA CYS F 147 4.52 10.01 -10.71
C CYS F 147 3.63 9.16 -9.82
N ILE F 148 2.94 8.18 -10.41
CA ILE F 148 2.02 7.35 -9.64
C ILE F 148 2.76 6.29 -8.83
N GLU F 149 3.95 5.92 -9.28
CA GLU F 149 4.77 4.98 -8.55
C GLU F 149 5.39 5.65 -7.35
N VAL F 150 5.81 6.90 -7.52
CA VAL F 150 6.31 7.71 -6.42
C VAL F 150 5.19 8.00 -5.43
N LEU F 151 4.00 8.28 -5.95
CA LEU F 151 2.87 8.57 -5.08
C LEU F 151 2.50 7.32 -4.31
N GLY F 152 2.69 6.17 -4.93
CA GLY F 152 2.47 4.90 -4.24
C GLY F 152 3.51 4.64 -3.15
N GLU F 153 4.76 4.99 -3.43
CA GLU F 153 5.86 4.78 -2.51
C GLU F 153 5.66 5.66 -1.28
N ILE F 154 5.02 6.79 -1.50
CA ILE F 154 4.72 7.76 -0.47
C ILE F 154 3.53 7.33 0.39
N LEU F 155 2.54 6.70 -0.23
CA LEU F 155 1.46 6.11 0.55
C LEU F 155 1.99 4.86 1.27
N LYS F 156 2.93 4.16 0.64
CA LYS F 156 3.48 2.94 1.21
C LYS F 156 4.36 3.28 2.41
N GLY F 157 4.86 4.51 2.45
CA GLY F 157 5.65 4.98 3.56
C GLY F 157 4.82 5.58 4.70
N LYS F 158 3.54 5.85 4.42
CA LYS F 158 2.63 6.46 5.40
C LYS F 158 1.54 5.56 5.96
N THR F 159 1.40 4.37 5.38
CA THR F 159 0.54 3.31 5.93
C THR F 159 0.85 2.03 5.20
N ASP F 160 0.26 0.95 5.65
CA ASP F 160 0.27 -0.26 4.84
C ASP F 160 -1.15 -0.80 4.57
N TYR F 161 -2.17 -0.11 5.06
CA TYR F 161 -3.54 -0.32 4.58
C TYR F 161 -4.20 1.00 4.28
N PRO G 11 -21.16 58.35 -5.10
CA PRO G 11 -21.00 56.91 -4.91
C PRO G 11 -22.10 56.09 -5.58
N LYS G 12 -21.72 55.19 -6.51
CA LYS G 12 -22.71 54.32 -7.15
C LYS G 12 -23.44 53.53 -6.07
N PRO G 13 -24.59 52.94 -6.43
CA PRO G 13 -25.19 51.94 -5.55
C PRO G 13 -24.35 50.65 -5.49
N SER G 14 -24.39 50.00 -4.33
CA SER G 14 -23.72 48.73 -4.16
C SER G 14 -24.55 47.85 -3.22
N PHE G 15 -24.24 46.55 -3.17
CA PHE G 15 -25.01 45.60 -2.38
C PHE G 15 -24.86 45.87 -0.88
N PRO G 16 -25.93 45.67 -0.10
CA PRO G 16 -27.28 45.31 -0.56
C PRO G 16 -28.03 46.56 -1.00
N TYR G 17 -29.06 46.36 -1.82
CA TYR G 17 -29.65 47.46 -2.56
C TYR G 17 -30.83 48.11 -1.83
N GLY G 18 -30.98 49.42 -2.00
CA GLY G 18 -31.89 50.20 -1.18
C GLY G 18 -33.21 50.61 -1.81
N SER G 19 -33.38 50.30 -3.10
CA SER G 19 -34.57 50.66 -3.82
C SER G 19 -34.66 49.79 -5.07
N PRO G 20 -35.89 49.64 -5.60
CA PRO G 20 -36.18 48.90 -6.84
C PRO G 20 -35.36 49.37 -8.06
N GLY G 21 -35.16 50.67 -8.20
CA GLY G 21 -34.34 51.17 -9.29
C GLY G 21 -32.94 50.60 -9.23
N GLU G 22 -32.32 50.70 -8.05
CA GLU G 22 -30.95 50.18 -7.79
C GLU G 22 -30.80 48.71 -8.14
N LEU G 23 -31.81 47.91 -7.79
CA LEU G 23 -31.82 46.47 -8.01
C LEU G 23 -32.06 46.21 -9.48
N ASN G 24 -32.90 47.03 -10.08
CA ASN G 24 -33.22 46.90 -11.50
C ASN G 24 -32.03 47.26 -12.35
N SER G 25 -31.13 48.04 -11.77
CA SER G 25 -29.89 48.36 -12.43
C SER G 25 -28.79 47.37 -12.01
N PHE G 26 -29.21 46.25 -11.43
CA PHE G 26 -28.31 45.22 -10.91
C PHE G 26 -28.31 44.02 -11.84
N LEU G 27 -27.22 43.86 -12.61
CA LEU G 27 -27.19 42.91 -13.73
C LEU G 27 -27.60 41.47 -13.44
N PRO G 28 -27.14 40.91 -12.31
CA PRO G 28 -27.49 39.52 -12.02
C PRO G 28 -28.95 39.35 -11.59
N TYR G 29 -29.55 40.39 -11.04
CA TYR G 29 -30.98 40.31 -10.76
C TYR G 29 -31.73 40.32 -12.09
N LEU G 30 -31.24 41.13 -13.02
CA LEU G 30 -31.89 41.21 -14.31
C LEU G 30 -31.83 39.87 -15.00
N LEU G 31 -30.67 39.23 -14.96
CA LEU G 31 -30.53 37.96 -15.66
C LEU G 31 -31.38 36.88 -15.00
N THR G 32 -31.37 36.81 -13.67
CA THR G 32 -32.20 35.81 -13.03
C THR G 32 -33.70 36.06 -13.27
N ARG G 33 -34.12 37.32 -13.38
CA ARG G 33 -35.52 37.63 -13.71
C ARG G 33 -35.88 37.17 -15.11
N ILE G 34 -35.12 37.64 -16.09
CA ILE G 34 -35.44 37.38 -17.49
C ILE G 34 -35.32 35.91 -17.85
N THR G 35 -34.10 35.38 -17.69
CA THR G 35 -33.81 33.95 -17.87
C THR G 35 -35.00 33.09 -17.46
N HIS G 36 -35.44 33.25 -16.23
CA HIS G 36 -36.64 32.56 -15.77
C HIS G 36 -37.79 32.69 -16.77
N ILE G 37 -38.22 33.92 -17.04
CA ILE G 37 -39.31 34.15 -17.99
C ILE G 37 -39.08 33.40 -19.29
N TRP G 38 -37.87 33.48 -19.83
CA TRP G 38 -37.54 32.80 -21.07
C TRP G 38 -37.70 31.30 -20.90
N SER G 39 -37.21 30.78 -19.77
CA SER G 39 -37.29 29.36 -19.48
C SER G 39 -38.74 28.87 -19.33
N SER G 40 -39.46 29.40 -18.35
CA SER G 40 -40.89 29.10 -18.20
C SER G 40 -41.54 29.03 -19.58
N GLU G 41 -41.65 30.20 -20.22
CA GLU G 41 -42.15 30.36 -21.58
C GLU G 41 -41.90 29.16 -22.49
N LEU G 42 -40.64 28.79 -22.66
CA LEU G 42 -40.29 27.69 -23.54
C LEU G 42 -40.62 26.31 -22.97
N ASN G 43 -40.71 26.17 -21.65
CA ASN G 43 -41.18 24.93 -21.06
C ASN G 43 -42.65 24.75 -21.36
N GLN G 44 -43.39 25.84 -21.22
CA GLN G 44 -44.78 25.90 -21.63
C GLN G 44 -44.94 25.38 -23.06
N ALA G 45 -44.38 26.12 -24.02
CA ALA G 45 -44.48 25.77 -25.43
C ALA G 45 -43.95 24.36 -25.71
N LEU G 46 -42.69 24.10 -25.32
CA LEU G 46 -42.01 22.83 -25.62
C LEU G 46 -42.72 21.62 -25.01
N ALA G 47 -43.55 21.87 -24.01
CA ALA G 47 -44.32 20.80 -23.38
C ALA G 47 -45.15 20.03 -24.40
N SER G 48 -45.92 20.77 -25.21
CA SER G 48 -46.89 20.17 -26.10
C SER G 48 -46.29 19.64 -27.41
N GLU G 49 -44.99 19.81 -27.61
CA GLU G 49 -44.37 19.38 -28.87
C GLU G 49 -43.29 18.30 -28.73
N LYS G 50 -43.41 17.45 -27.71
CA LYS G 50 -42.61 16.22 -27.55
C LYS G 50 -41.09 16.38 -27.75
N LEU G 51 -40.53 17.46 -27.21
CA LEU G 51 -39.09 17.67 -27.23
C LEU G 51 -38.65 18.48 -26.02
N PRO G 52 -38.47 17.81 -24.87
CA PRO G 52 -38.02 18.41 -23.60
C PRO G 52 -36.95 19.47 -23.78
N THR G 53 -37.02 20.49 -22.94
CA THR G 53 -36.03 21.58 -22.91
C THR G 53 -34.54 21.14 -22.94
N PRO G 54 -34.14 20.24 -22.02
CA PRO G 54 -32.77 19.72 -21.98
C PRO G 54 -32.32 19.08 -23.29
N LYS G 55 -33.21 18.38 -23.97
CA LYS G 55 -32.86 17.76 -25.25
C LYS G 55 -32.66 18.84 -26.32
N LEU G 56 -33.54 19.83 -26.35
CA LEU G 56 -33.36 20.94 -27.27
C LEU G 56 -32.01 21.60 -27.00
N ARG G 57 -31.74 21.84 -25.71
CA ARG G 57 -30.51 22.51 -25.28
C ARG G 57 -29.26 21.78 -25.77
N LEU G 58 -29.39 20.46 -25.92
CA LEU G 58 -28.31 19.66 -26.41
C LEU G 58 -28.23 19.69 -27.93
N LEU G 59 -29.30 19.29 -28.60
CA LEU G 59 -29.34 19.35 -30.06
C LEU G 59 -28.87 20.70 -30.61
N SER G 60 -29.35 21.78 -30.02
CA SER G 60 -28.92 23.09 -30.47
C SER G 60 -27.43 23.34 -30.25
N SER G 61 -26.89 22.82 -29.15
CA SER G 61 -25.44 22.89 -28.92
C SER G 61 -24.74 22.19 -30.08
N LEU G 62 -25.03 20.91 -30.24
CA LEU G 62 -24.46 20.09 -31.31
C LEU G 62 -24.65 20.71 -32.69
N SER G 63 -25.71 21.49 -32.86
CA SER G 63 -25.99 22.11 -34.14
C SER G 63 -25.03 23.24 -34.46
N ALA G 64 -24.59 23.94 -33.42
CA ALA G 64 -23.76 25.13 -33.57
C ALA G 64 -22.29 24.79 -33.56
N TYR G 65 -21.88 24.02 -32.57
CA TYR G 65 -20.46 23.70 -32.38
C TYR G 65 -19.99 22.41 -33.07
N GLY G 66 -20.91 21.50 -33.36
CA GLY G 66 -20.56 20.21 -33.95
C GLY G 66 -20.38 19.07 -32.94
N GLU G 67 -19.37 18.23 -33.18
CA GLU G 67 -19.08 17.10 -32.29
C GLU G 67 -18.75 17.60 -30.89
N LEU G 68 -19.36 17.02 -29.86
CA LEU G 68 -19.11 17.46 -28.47
C LEU G 68 -18.99 16.29 -27.54
N THR G 69 -18.03 16.36 -26.63
CA THR G 69 -18.01 15.41 -25.51
C THR G 69 -19.19 15.71 -24.59
N VAL G 70 -19.51 14.78 -23.71
CA VAL G 70 -20.60 14.99 -22.78
C VAL G 70 -20.26 16.17 -21.88
N GLY G 71 -18.97 16.42 -21.72
CA GLY G 71 -18.49 17.55 -20.95
C GLY G 71 -18.79 18.89 -21.60
N GLN G 72 -18.41 19.01 -22.86
CA GLN G 72 -18.69 20.22 -23.63
C GLN G 72 -20.19 20.42 -23.77
N LEU G 73 -20.94 19.34 -23.85
CA LEU G 73 -22.40 19.45 -23.86
C LEU G 73 -22.94 19.88 -22.47
N ALA G 74 -22.23 19.50 -21.41
CA ALA G 74 -22.70 19.76 -20.05
C ALA G 74 -22.58 21.24 -19.74
N THR G 75 -21.41 21.80 -19.99
CA THR G 75 -21.16 23.21 -19.74
C THR G 75 -21.95 24.08 -20.71
N LEU G 76 -21.85 23.73 -21.99
CA LEU G 76 -22.49 24.46 -23.08
C LEU G 76 -24.01 24.50 -22.91
N GLY G 77 -24.58 23.47 -22.32
CA GLY G 77 -26.02 23.41 -22.13
C GLY G 77 -26.42 23.65 -20.70
N VAL G 78 -25.48 24.21 -19.92
CA VAL G 78 -25.71 24.57 -18.52
C VAL G 78 -26.35 23.41 -17.75
N MSE G 79 -25.82 22.22 -18.03
CA MSE G 79 -26.27 21.01 -17.38
C MSE G 79 -25.17 20.22 -16.71
O MSE G 79 -24.02 20.17 -17.18
CB MSE G 79 -27.01 20.11 -18.37
CG MSE G 79 -28.40 20.61 -18.66
SE MSE G 79 -29.13 19.72 -20.22
CE MSE G 79 -28.79 17.89 -19.67
N GLU G 80 -25.53 19.61 -15.60
CA GLU G 80 -24.66 18.71 -14.88
C GLU G 80 -24.33 17.49 -15.77
N GLN G 81 -23.04 17.21 -15.90
CA GLN G 81 -22.52 16.19 -16.82
C GLN G 81 -23.27 14.87 -16.85
N SER G 82 -23.74 14.38 -15.71
CA SER G 82 -24.37 13.05 -15.68
C SER G 82 -25.81 13.13 -16.17
N THR G 83 -26.45 14.28 -15.96
CA THR G 83 -27.75 14.56 -16.57
C THR G 83 -27.58 14.77 -18.06
N THR G 84 -26.47 15.38 -18.44
CA THR G 84 -26.14 15.53 -19.85
C THR G 84 -25.81 14.18 -20.50
N SER G 85 -25.35 13.21 -19.71
CA SER G 85 -25.06 11.88 -20.23
C SER G 85 -26.32 11.03 -20.35
N ARG G 86 -27.19 11.08 -19.37
CA ARG G 86 -28.45 10.38 -19.47
C ARG G 86 -29.32 11.00 -20.53
N THR G 87 -29.19 12.30 -20.72
CA THR G 87 -29.92 13.00 -21.78
C THR G 87 -29.50 12.51 -23.18
N VAL G 88 -28.20 12.61 -23.48
CA VAL G 88 -27.63 12.11 -24.73
C VAL G 88 -28.02 10.66 -25.01
N ASP G 89 -28.11 9.85 -23.95
CA ASP G 89 -28.53 8.44 -24.04
C ASP G 89 -29.95 8.27 -24.58
N GLN G 90 -30.83 9.16 -24.18
CA GLN G 90 -32.21 9.20 -24.64
C GLN G 90 -32.26 9.73 -26.06
N LEU G 91 -31.35 10.66 -26.35
CA LEU G 91 -31.23 11.21 -27.69
C LEU G 91 -30.70 10.14 -28.66
N VAL G 92 -29.77 9.31 -28.19
CA VAL G 92 -29.22 8.25 -29.03
C VAL G 92 -30.22 7.11 -29.18
N ASP G 93 -31.21 7.05 -28.30
CA ASP G 93 -32.29 6.06 -28.44
C ASP G 93 -33.40 6.49 -29.42
N GLU G 94 -33.52 7.79 -29.69
CA GLU G 94 -34.49 8.28 -30.66
C GLU G 94 -33.85 8.47 -32.02
N GLY G 95 -32.52 8.48 -32.08
CA GLY G 95 -31.84 8.63 -33.36
C GLY G 95 -31.54 10.08 -33.69
N LEU G 96 -31.70 10.94 -32.70
CA LEU G 96 -31.48 12.37 -32.86
C LEU G 96 -30.02 12.76 -32.67
N ALA G 97 -29.26 11.89 -31.99
CA ALA G 97 -27.82 12.08 -31.81
C ALA G 97 -27.12 10.75 -31.95
N ALA G 98 -25.84 10.79 -32.30
CA ALA G 98 -25.03 9.59 -32.41
C ALA G 98 -23.74 9.73 -31.63
N ARG G 99 -23.35 8.65 -30.98
CA ARG G 99 -22.07 8.59 -30.32
C ARG G 99 -21.01 8.31 -31.36
N SER G 100 -19.79 8.78 -31.08
CA SER G 100 -18.61 8.39 -31.84
C SER G 100 -17.40 8.61 -30.95
N ILE G 101 -16.21 8.63 -31.55
CA ILE G 101 -14.97 8.86 -30.78
C ILE G 101 -14.16 9.99 -31.41
N SER G 102 -13.36 10.70 -30.61
CA SER G 102 -12.40 11.62 -31.19
C SER G 102 -11.01 11.34 -30.63
N GLN G 106 -8.18 13.61 -28.24
CA GLN G 106 -7.82 12.22 -28.05
C GLN G 106 -9.05 11.33 -27.97
N ARG G 107 -8.82 10.05 -27.67
CA ARG G 107 -9.90 9.07 -27.62
C ARG G 107 -10.85 9.26 -26.42
N LYS G 108 -11.85 10.11 -26.63
CA LYS G 108 -12.96 10.31 -25.72
C LYS G 108 -14.24 10.19 -26.57
N ARG G 109 -15.28 9.56 -26.03
CA ARG G 109 -16.49 9.27 -26.82
C ARG G 109 -17.38 10.51 -27.04
N THR G 110 -17.43 11.00 -28.27
CA THR G 110 -18.10 12.25 -28.58
C THR G 110 -19.56 12.08 -28.99
N VAL G 111 -20.20 13.19 -29.35
CA VAL G 111 -21.62 13.22 -29.74
C VAL G 111 -21.83 14.14 -30.96
N VAL G 112 -22.59 13.64 -31.93
CA VAL G 112 -22.84 14.36 -33.18
C VAL G 112 -24.31 14.35 -33.51
N LEU G 113 -24.78 15.39 -34.19
CA LEU G 113 -26.16 15.45 -34.66
C LEU G 113 -26.40 14.47 -35.79
N THR G 114 -27.56 13.83 -35.76
CA THR G 114 -28.01 13.03 -36.89
C THR G 114 -28.83 13.93 -37.79
N ARG G 115 -29.15 13.46 -38.98
CA ARG G 115 -30.01 14.23 -39.87
C ARG G 115 -31.45 14.25 -39.35
N LYS G 116 -31.83 13.17 -38.67
CA LYS G 116 -33.09 13.14 -37.94
C LYS G 116 -33.08 14.19 -36.84
N GLY G 117 -31.95 14.34 -36.15
CA GLY G 117 -31.81 15.38 -35.15
C GLY G 117 -31.77 16.75 -35.78
N LYS G 118 -31.03 16.89 -36.88
CA LYS G 118 -31.03 18.14 -37.61
C LYS G 118 -32.45 18.51 -38.03
N LYS G 119 -33.25 17.51 -38.35
CA LYS G 119 -34.64 17.74 -38.80
C LYS G 119 -35.53 18.34 -37.70
N LYS G 120 -35.54 17.70 -36.54
CA LYS G 120 -36.40 18.11 -35.41
C LYS G 120 -36.07 19.51 -34.90
N LEU G 121 -34.83 19.93 -35.09
CA LEU G 121 -34.36 21.23 -34.60
C LEU G 121 -34.78 22.32 -35.58
N ALA G 122 -34.92 21.90 -36.84
CA ALA G 122 -35.45 22.77 -37.88
C ALA G 122 -36.96 22.89 -37.67
N GLU G 123 -37.59 21.76 -37.37
CA GLU G 123 -39.01 21.78 -37.06
C GLU G 123 -39.30 22.63 -35.82
N ILE G 124 -38.26 23.13 -35.16
CA ILE G 124 -38.50 23.84 -33.91
C ILE G 124 -37.84 25.19 -33.82
N SER G 125 -36.89 25.48 -34.70
CA SER G 125 -36.18 26.75 -34.62
C SER G 125 -37.11 27.97 -34.75
N PRO G 126 -38.18 27.86 -35.55
CA PRO G 126 -39.11 28.99 -35.65
C PRO G 126 -39.71 29.46 -34.33
N LEU G 127 -40.37 28.58 -33.58
CA LEU G 127 -40.96 28.95 -32.30
C LEU G 127 -39.93 29.65 -31.44
N ILE G 128 -38.69 29.18 -31.54
CA ILE G 128 -37.58 29.78 -30.83
C ILE G 128 -37.42 31.23 -31.30
N ASN G 129 -37.33 31.44 -32.61
CA ASN G 129 -37.20 32.79 -33.18
C ASN G 129 -38.45 33.64 -32.97
N ASP G 130 -39.58 32.97 -32.76
CA ASP G 130 -40.79 33.66 -32.40
C ASP G 130 -40.65 34.18 -30.99
N PHE G 131 -40.38 33.28 -30.04
CA PHE G 131 -40.26 33.66 -28.64
C PHE G 131 -39.14 34.66 -28.40
N HIS G 132 -38.11 34.57 -29.22
CA HIS G 132 -37.00 35.50 -29.18
C HIS G 132 -37.47 36.89 -29.65
N ALA G 133 -38.20 36.90 -30.78
CA ALA G 133 -38.74 38.14 -31.30
C ALA G 133 -39.61 38.79 -30.26
N GLU G 134 -40.46 38.01 -29.60
CA GLU G 134 -41.39 38.56 -28.63
C GLU G 134 -40.66 38.92 -27.35
N LEU G 135 -39.37 38.61 -27.31
CA LEU G 135 -38.53 38.94 -26.18
C LEU G 135 -37.64 40.15 -26.47
N VAL G 136 -37.06 40.21 -27.67
CA VAL G 136 -36.15 41.31 -28.01
C VAL G 136 -36.61 42.11 -29.23
N GLY G 137 -37.92 42.16 -29.46
CA GLY G 137 -38.48 42.74 -30.67
C GLY G 137 -38.49 44.26 -30.74
N ASN G 138 -39.01 44.88 -29.68
CA ASN G 138 -39.13 46.34 -29.61
C ASN G 138 -37.83 47.04 -29.19
N VAL G 139 -36.75 46.26 -29.11
CA VAL G 139 -35.48 46.79 -28.67
C VAL G 139 -34.77 47.51 -29.81
N ASP G 140 -34.29 48.71 -29.52
CA ASP G 140 -33.48 49.49 -30.45
C ASP G 140 -32.27 48.69 -30.93
N PRO G 141 -32.22 48.40 -32.24
CA PRO G 141 -31.26 47.46 -32.85
C PRO G 141 -29.77 47.74 -32.60
N ASP G 142 -29.41 48.99 -32.31
CA ASP G 142 -28.03 49.32 -31.97
C ASP G 142 -27.76 49.02 -30.51
N LYS G 143 -28.74 49.37 -29.66
CA LYS G 143 -28.62 49.14 -28.23
C LYS G 143 -28.68 47.66 -27.90
N LEU G 144 -29.53 46.90 -28.59
CA LEU G 144 -29.61 45.47 -28.37
C LEU G 144 -28.33 44.77 -28.83
N GLN G 145 -27.79 45.19 -29.97
CA GLN G 145 -26.52 44.65 -30.45
C GLN G 145 -25.45 44.84 -29.39
N THR G 146 -25.28 46.10 -28.97
CA THR G 146 -24.38 46.41 -27.86
C THR G 146 -24.67 45.60 -26.58
N CYS G 147 -25.94 45.30 -26.30
CA CYS G 147 -26.31 44.47 -25.15
C CYS G 147 -25.69 43.07 -25.17
N ILE G 148 -25.70 42.44 -26.36
CA ILE G 148 -25.20 41.08 -26.53
C ILE G 148 -23.67 41.02 -26.48
N GLU G 149 -23.00 42.10 -26.87
CA GLU G 149 -21.55 42.22 -26.79
C GLU G 149 -21.01 42.30 -25.35
N VAL G 150 -21.64 43.13 -24.53
CA VAL G 150 -21.28 43.21 -23.12
C VAL G 150 -21.46 41.85 -22.47
N LEU G 151 -22.59 41.20 -22.74
CA LEU G 151 -22.86 39.86 -22.20
C LEU G 151 -21.84 38.83 -22.70
N GLY G 152 -21.40 39.00 -23.93
CA GLY G 152 -20.36 38.15 -24.47
C GLY G 152 -19.04 38.41 -23.77
N GLU G 153 -18.62 39.67 -23.78
CA GLU G 153 -17.44 40.08 -23.02
C GLU G 153 -17.51 39.43 -21.66
N ILE G 154 -18.66 39.55 -20.99
CA ILE G 154 -18.82 39.06 -19.63
C ILE G 154 -18.69 37.54 -19.57
N LEU G 155 -19.41 36.84 -20.44
CA LEU G 155 -19.36 35.37 -20.48
C LEU G 155 -17.96 34.82 -20.69
N LYS G 156 -17.18 35.48 -21.54
CA LYS G 156 -15.78 35.11 -21.76
C LYS G 156 -14.93 35.32 -20.50
N GLY G 157 -15.06 36.48 -19.89
CA GLY G 157 -14.32 36.76 -18.68
C GLY G 157 -14.53 35.70 -17.63
N LYS G 158 -15.78 35.46 -17.26
CA LYS G 158 -16.09 34.62 -16.09
C LYS G 158 -16.09 33.15 -16.44
N THR G 159 -15.66 32.84 -17.65
CA THR G 159 -15.54 31.46 -18.10
C THR G 159 -14.89 31.45 -19.48
N ASP G 160 -13.57 31.55 -19.46
CA ASP G 160 -12.79 31.31 -20.66
C ASP G 160 -13.05 29.83 -20.97
N TYR G 161 -14.15 29.34 -20.40
CA TYR G 161 -14.61 27.96 -20.50
C TYR G 161 -15.80 27.90 -21.48
N PRO H 13 -29.12 24.90 -41.20
CA PRO H 13 -29.02 25.37 -39.81
C PRO H 13 -29.08 26.90 -39.73
N SER H 14 -30.19 27.44 -39.23
CA SER H 14 -30.37 28.89 -39.16
C SER H 14 -30.21 29.43 -37.74
N PHE H 15 -29.94 30.73 -37.64
CA PHE H 15 -29.91 31.43 -36.35
C PHE H 15 -30.96 30.83 -35.40
N PRO H 16 -30.60 30.70 -34.11
CA PRO H 16 -29.29 31.03 -33.51
C PRO H 16 -28.25 29.89 -33.54
N TYR H 17 -28.68 28.70 -33.91
CA TYR H 17 -27.84 27.52 -33.70
C TYR H 17 -27.04 27.22 -34.94
N GLY H 18 -26.81 28.22 -35.77
CA GLY H 18 -26.15 27.98 -37.04
C GLY H 18 -24.66 27.77 -36.92
N SER H 19 -24.05 28.41 -35.93
CA SER H 19 -22.61 28.36 -35.77
C SER H 19 -22.24 28.81 -34.37
N PRO H 20 -20.96 28.61 -33.99
CA PRO H 20 -20.46 29.01 -32.68
C PRO H 20 -20.60 30.51 -32.46
N GLY H 21 -20.38 31.28 -33.52
CA GLY H 21 -20.53 32.73 -33.47
C GLY H 21 -22.00 33.11 -33.50
N GLU H 22 -22.79 32.26 -34.13
CA GLU H 22 -24.22 32.48 -34.16
C GLU H 22 -24.81 32.17 -32.78
N LEU H 23 -24.28 31.16 -32.10
CA LEU H 23 -24.78 30.87 -30.75
C LEU H 23 -24.40 31.96 -29.74
N ASN H 24 -23.39 32.75 -30.08
CA ASN H 24 -22.95 33.83 -29.23
C ASN H 24 -23.85 35.06 -29.30
N SER H 25 -24.65 35.11 -30.35
CA SER H 25 -25.56 36.24 -30.61
C SER H 25 -26.92 36.02 -29.96
N PHE H 26 -27.17 34.80 -29.51
CA PHE H 26 -28.46 34.46 -28.90
C PHE H 26 -28.47 34.90 -27.44
N LEU H 27 -29.38 35.82 -27.12
CA LEU H 27 -29.44 36.40 -25.78
C LEU H 27 -29.81 35.41 -24.67
N PRO H 28 -30.85 34.59 -24.91
CA PRO H 28 -31.25 33.52 -23.99
C PRO H 28 -30.09 32.59 -23.63
N TYR H 29 -29.25 32.23 -24.60
CA TYR H 29 -28.02 31.48 -24.33
C TYR H 29 -27.13 32.22 -23.32
N LEU H 30 -26.69 33.43 -23.69
CA LEU H 30 -25.84 34.26 -22.83
C LEU H 30 -26.37 34.45 -21.42
N LEU H 31 -27.64 34.83 -21.33
CA LEU H 31 -28.32 35.01 -20.05
C LEU H 31 -28.26 33.78 -19.17
N THR H 32 -28.61 32.63 -19.75
CA THR H 32 -28.67 31.34 -19.06
C THR H 32 -27.32 30.89 -18.57
N ARG H 33 -26.30 31.00 -19.43
CA ARG H 33 -24.91 30.67 -19.10
C ARG H 33 -24.42 31.46 -17.89
N ILE H 34 -24.58 32.78 -18.00
CA ILE H 34 -24.07 33.69 -17.01
C ILE H 34 -24.85 33.63 -15.71
N THR H 35 -26.17 33.53 -15.81
CA THR H 35 -26.97 33.40 -14.60
C THR H 35 -26.49 32.18 -13.84
N HIS H 36 -26.25 31.11 -14.57
CA HIS H 36 -25.73 29.90 -13.93
C HIS H 36 -24.32 30.12 -13.34
N ILE H 37 -23.42 30.67 -14.13
CA ILE H 37 -22.08 30.94 -13.63
C ILE H 37 -22.12 31.77 -12.34
N TRP H 38 -23.04 32.73 -12.26
CA TRP H 38 -23.12 33.61 -11.10
C TRP H 38 -23.73 32.92 -9.88
N SER H 39 -24.94 32.38 -10.05
CA SER H 39 -25.62 31.72 -8.95
C SER H 39 -24.86 30.49 -8.38
N SER H 40 -24.16 29.78 -9.25
CA SER H 40 -23.34 28.66 -8.85
C SER H 40 -22.15 29.07 -7.98
N GLU H 41 -21.35 30.01 -8.48
CA GLU H 41 -20.21 30.53 -7.74
C GLU H 41 -20.61 31.04 -6.35
N LEU H 42 -21.67 31.86 -6.27
CA LEU H 42 -22.09 32.43 -5.00
C LEU H 42 -22.67 31.39 -4.05
N ASN H 43 -23.17 30.31 -4.63
CA ASN H 43 -23.81 29.26 -3.86
C ASN H 43 -22.75 28.46 -3.09
N GLN H 44 -21.63 28.20 -3.75
CA GLN H 44 -20.50 27.53 -3.13
C GLN H 44 -19.62 28.50 -2.32
N ALA H 45 -19.70 29.80 -2.64
CA ALA H 45 -18.98 30.81 -1.86
C ALA H 45 -19.73 31.23 -0.58
N LEU H 46 -20.99 30.81 -0.43
CA LEU H 46 -21.81 31.15 0.74
C LEU H 46 -22.50 29.95 1.41
N ALA H 47 -21.85 28.80 1.45
CA ALA H 47 -22.45 27.64 2.10
C ALA H 47 -22.33 27.74 3.62
N SER H 48 -21.15 28.12 4.10
CA SER H 48 -20.92 28.28 5.52
C SER H 48 -21.77 29.40 6.16
N GLU H 49 -22.30 30.31 5.35
CA GLU H 49 -23.18 31.34 5.88
C GLU H 49 -24.65 30.88 5.87
N LYS H 50 -24.90 29.73 5.24
CA LYS H 50 -26.24 29.14 5.11
C LYS H 50 -27.15 29.97 4.21
N LEU H 51 -26.56 30.54 3.17
CA LEU H 51 -27.27 31.38 2.23
C LEU H 51 -27.25 30.81 0.83
N PRO H 52 -28.04 29.75 0.60
CA PRO H 52 -28.19 29.26 -0.77
C PRO H 52 -28.81 30.41 -1.56
N THR H 53 -28.69 30.38 -2.88
CA THR H 53 -29.13 31.51 -3.70
C THR H 53 -30.59 31.91 -3.47
N PRO H 54 -31.51 30.93 -3.35
CA PRO H 54 -32.88 31.24 -2.95
C PRO H 54 -33.02 32.10 -1.68
N LYS H 55 -32.26 31.79 -0.64
CA LYS H 55 -32.27 32.60 0.58
C LYS H 55 -31.66 33.98 0.35
N LEU H 56 -30.63 34.05 -0.48
CA LEU H 56 -29.92 35.31 -0.71
C LEU H 56 -30.76 36.29 -1.52
N ARG H 57 -31.57 35.76 -2.43
CA ARG H 57 -32.43 36.58 -3.26
C ARG H 57 -33.59 37.14 -2.44
N LEU H 58 -34.14 36.30 -1.54
CA LEU H 58 -35.18 36.77 -0.66
C LEU H 58 -34.64 37.97 0.11
N LEU H 59 -33.48 37.77 0.71
CA LEU H 59 -32.84 38.82 1.50
C LEU H 59 -32.51 40.07 0.67
N SER H 60 -31.95 39.87 -0.52
CA SER H 60 -31.53 41.03 -1.32
C SER H 60 -32.71 41.86 -1.78
N SER H 61 -33.82 41.19 -2.09
CA SER H 61 -35.05 41.88 -2.46
C SER H 61 -35.59 42.59 -1.24
N LEU H 62 -35.57 41.94 -0.09
CA LEU H 62 -36.08 42.57 1.12
C LEU H 62 -35.28 43.84 1.41
N SER H 63 -34.00 43.80 1.07
CA SER H 63 -33.13 44.97 1.21
C SER H 63 -33.64 46.12 0.33
N ALA H 64 -34.12 45.80 -0.86
CA ALA H 64 -34.47 46.82 -1.85
C ALA H 64 -35.89 47.39 -1.72
N TYR H 65 -36.85 46.55 -1.36
CA TYR H 65 -38.24 46.97 -1.24
C TYR H 65 -38.61 47.22 0.21
N GLY H 66 -37.72 46.82 1.10
CA GLY H 66 -37.93 47.01 2.52
C GLY H 66 -39.02 46.15 3.10
N GLU H 67 -40.07 45.90 2.34
CA GLU H 67 -41.22 45.17 2.87
C GLU H 67 -41.98 44.49 1.75
N LEU H 68 -42.21 43.20 1.90
CA LEU H 68 -42.68 42.36 0.80
C LEU H 68 -43.51 41.19 1.30
N THR H 69 -44.50 40.79 0.50
CA THR H 69 -45.27 39.59 0.78
C THR H 69 -44.61 38.39 0.09
N VAL H 70 -44.79 37.20 0.63
CA VAL H 70 -44.27 36.01 -0.05
C VAL H 70 -44.80 35.89 -1.50
N GLY H 71 -45.97 36.48 -1.75
CA GLY H 71 -46.47 36.56 -3.12
C GLY H 71 -45.49 37.32 -3.98
N GLN H 72 -44.97 38.42 -3.43
CA GLN H 72 -44.03 39.29 -4.11
C GLN H 72 -42.64 38.65 -4.23
N LEU H 73 -42.15 38.10 -3.13
CA LEU H 73 -40.81 37.51 -3.05
C LEU H 73 -40.64 36.36 -4.05
N ALA H 74 -41.73 35.63 -4.27
CA ALA H 74 -41.77 34.50 -5.21
C ALA H 74 -41.63 34.97 -6.66
N THR H 75 -42.14 36.16 -6.95
CA THR H 75 -42.05 36.73 -8.28
C THR H 75 -40.66 37.35 -8.52
N LEU H 76 -40.21 38.15 -7.55
CA LEU H 76 -38.90 38.80 -7.64
C LEU H 76 -37.73 37.80 -7.47
N GLY H 77 -37.96 36.74 -6.70
CA GLY H 77 -36.97 35.69 -6.49
C GLY H 77 -37.13 34.41 -7.32
N VAL H 78 -37.93 34.50 -8.38
CA VAL H 78 -38.18 33.37 -9.29
C VAL H 78 -38.32 32.00 -8.62
N MSE H 79 -39.16 31.94 -7.59
CA MSE H 79 -39.50 30.65 -6.97
C MSE H 79 -41.01 30.46 -6.97
O MSE H 79 -41.77 31.41 -7.16
CB MSE H 79 -39.00 30.55 -5.53
CG MSE H 79 -37.50 30.56 -5.36
SE MSE H 79 -37.06 31.22 -3.58
CE MSE H 79 -38.03 29.90 -2.57
N GLU H 80 -41.43 29.21 -6.73
CA GLU H 80 -42.84 28.87 -6.61
C GLU H 80 -43.35 29.52 -5.34
N GLN H 81 -44.67 29.70 -5.24
CA GLN H 81 -45.22 30.30 -4.04
C GLN H 81 -44.91 29.43 -2.82
N SER H 82 -45.35 28.19 -2.85
CA SER H 82 -45.06 27.24 -1.78
C SER H 82 -43.59 27.32 -1.39
N THR H 83 -42.72 27.22 -2.40
CA THR H 83 -41.27 27.22 -2.19
C THR H 83 -40.83 28.46 -1.43
N THR H 84 -41.36 29.61 -1.85
CA THR H 84 -41.08 30.89 -1.23
C THR H 84 -41.63 30.95 0.18
N SER H 85 -42.84 30.43 0.35
CA SER H 85 -43.43 30.39 1.67
C SER H 85 -42.56 29.58 2.62
N ARG H 86 -41.85 28.58 2.10
CA ARG H 86 -40.98 27.76 2.93
C ARG H 86 -39.54 28.30 3.07
N THR H 87 -39.15 29.18 2.16
CA THR H 87 -37.85 29.85 2.28
C THR H 87 -37.87 30.99 3.30
N VAL H 88 -38.99 31.70 3.37
CA VAL H 88 -39.18 32.73 4.38
C VAL H 88 -39.21 32.12 5.79
N ASP H 89 -39.73 30.89 5.88
CA ASP H 89 -39.78 30.19 7.16
C ASP H 89 -38.38 30.01 7.73
N GLN H 90 -37.51 29.43 6.92
CA GLN H 90 -36.11 29.24 7.31
C GLN H 90 -35.42 30.55 7.70
N LEU H 91 -35.80 31.65 7.05
CA LEU H 91 -35.20 32.95 7.36
C LEU H 91 -35.77 33.57 8.63
N VAL H 92 -37.00 33.23 8.99
CA VAL H 92 -37.58 33.73 10.22
C VAL H 92 -37.06 32.96 11.43
N ASP H 93 -36.94 31.64 11.29
CA ASP H 93 -36.38 30.79 12.33
C ASP H 93 -34.91 31.14 12.57
N GLU H 94 -34.25 31.58 11.51
CA GLU H 94 -32.85 32.00 11.57
C GLU H 94 -32.74 33.49 11.96
N GLY H 95 -33.86 34.08 12.34
CA GLY H 95 -33.89 35.46 12.79
C GLY H 95 -33.49 36.49 11.74
N LEU H 96 -33.32 36.01 10.50
CA LEU H 96 -32.84 36.86 9.40
C LEU H 96 -33.87 37.85 8.85
N ALA H 97 -35.13 37.42 8.84
CA ALA H 97 -36.24 38.24 8.39
C ALA H 97 -37.41 37.99 9.33
N ALA H 98 -38.45 38.82 9.24
CA ALA H 98 -39.59 38.75 10.15
C ALA H 98 -40.91 38.94 9.45
N ARG H 99 -41.91 38.15 9.85
CA ARG H 99 -43.26 38.29 9.29
C ARG H 99 -44.05 39.38 10.02
N SER H 100 -44.65 40.29 9.26
CA SER H 100 -45.31 41.45 9.86
C SER H 100 -46.70 41.74 9.28
N ILE H 101 -47.30 42.83 9.73
CA ILE H 101 -48.60 43.27 9.22
C ILE H 101 -48.42 44.52 8.36
N SER H 102 -49.01 44.50 7.17
CA SER H 102 -48.85 45.58 6.20
C SER H 102 -49.40 46.93 6.69
N ASP H 103 -48.90 48.01 6.10
CA ASP H 103 -49.37 49.37 6.42
C ASP H 103 -50.31 49.94 5.36
N GLN H 106 -52.78 47.15 4.61
CA GLN H 106 -54.09 46.54 4.54
C GLN H 106 -54.18 45.33 5.47
N ARG H 107 -54.88 44.30 5.00
CA ARG H 107 -54.97 43.04 5.76
C ARG H 107 -53.98 42.02 5.22
N LYS H 108 -52.89 42.52 4.65
CA LYS H 108 -51.93 41.67 3.96
C LYS H 108 -50.66 41.44 4.80
N ARG H 109 -50.41 40.18 5.17
CA ARG H 109 -49.21 39.79 5.94
C ARG H 109 -47.95 39.99 5.10
N THR H 110 -46.94 40.68 5.63
CA THR H 110 -45.73 40.92 4.85
C THR H 110 -44.47 40.36 5.51
N VAL H 111 -43.32 40.84 5.03
CA VAL H 111 -42.02 40.36 5.49
C VAL H 111 -41.08 41.55 5.58
N VAL H 112 -40.04 41.44 6.40
CA VAL H 112 -39.05 42.48 6.50
C VAL H 112 -37.69 41.98 6.99
N LEU H 113 -36.65 42.73 6.64
CA LEU H 113 -35.31 42.44 7.12
C LEU H 113 -35.13 42.86 8.56
N THR H 114 -34.83 41.88 9.41
CA THR H 114 -34.46 42.17 10.80
C THR H 114 -33.13 42.92 10.81
N ARG H 115 -32.72 43.37 12.00
CA ARG H 115 -31.41 44.02 12.20
C ARG H 115 -30.30 43.04 11.82
N LYS H 116 -30.46 41.83 12.36
CA LYS H 116 -29.64 40.68 12.02
C LYS H 116 -29.56 40.55 10.51
N GLY H 117 -30.70 40.34 9.87
CA GLY H 117 -30.77 40.33 8.43
C GLY H 117 -29.89 41.41 7.83
N LYS H 118 -30.09 42.64 8.26
CA LYS H 118 -29.33 43.76 7.74
C LYS H 118 -27.84 43.56 7.98
N LYS H 119 -27.49 43.09 9.17
CA LYS H 119 -26.11 42.77 9.43
C LYS H 119 -25.60 41.72 8.45
N LYS H 120 -26.24 40.55 8.44
CA LYS H 120 -25.77 39.45 7.60
C LYS H 120 -25.69 39.83 6.15
N LEU H 121 -26.39 40.89 5.77
CA LEU H 121 -26.29 41.36 4.39
C LEU H 121 -25.00 42.15 4.28
N ALA H 122 -24.72 42.91 5.32
CA ALA H 122 -23.59 43.82 5.34
C ALA H 122 -22.24 43.12 5.49
N GLU H 123 -22.20 41.99 6.20
CA GLU H 123 -20.93 41.28 6.34
C GLU H 123 -20.58 40.59 5.04
N ILE H 124 -21.59 40.03 4.38
CA ILE H 124 -21.38 39.31 3.12
C ILE H 124 -21.26 40.24 1.91
N SER H 125 -21.43 41.53 2.13
CA SER H 125 -21.44 42.49 1.02
C SER H 125 -20.10 42.65 0.32
N PRO H 126 -18.99 42.69 1.07
CA PRO H 126 -17.76 42.91 0.32
C PRO H 126 -17.53 41.76 -0.64
N LEU H 127 -17.94 40.56 -0.26
CA LEU H 127 -17.83 39.40 -1.11
C LEU H 127 -18.68 39.51 -2.39
N ILE H 128 -19.98 39.71 -2.20
CA ILE H 128 -20.89 39.93 -3.34
C ILE H 128 -20.30 40.95 -4.30
N ASN H 129 -19.88 42.08 -3.75
CA ASN H 129 -19.38 43.20 -4.55
C ASN H 129 -18.09 42.90 -5.26
N ASP H 130 -17.26 42.04 -4.66
CA ASP H 130 -16.09 41.49 -5.35
C ASP H 130 -16.56 40.69 -6.58
N PHE H 131 -17.42 39.72 -6.35
CA PHE H 131 -17.92 38.91 -7.45
C PHE H 131 -18.48 39.81 -8.56
N HIS H 132 -19.29 40.78 -8.16
CA HIS H 132 -19.85 41.78 -9.07
C HIS H 132 -18.80 42.45 -9.97
N ALA H 133 -17.85 43.14 -9.35
CA ALA H 133 -16.67 43.64 -10.04
C ALA H 133 -15.99 42.59 -10.91
N GLU H 134 -15.85 41.37 -10.39
CA GLU H 134 -15.21 40.30 -11.16
C GLU H 134 -15.94 40.05 -12.49
N LEU H 135 -17.27 40.03 -12.41
CA LEU H 135 -18.13 39.74 -13.57
C LEU H 135 -18.01 40.77 -14.71
N VAL H 136 -18.37 42.02 -14.42
CA VAL H 136 -18.44 43.06 -15.44
C VAL H 136 -17.15 43.85 -15.47
N GLY H 137 -16.07 43.21 -15.06
CA GLY H 137 -14.81 43.90 -14.81
C GLY H 137 -14.28 44.74 -15.95
N ASN H 138 -14.06 44.10 -17.09
CA ASN H 138 -13.37 44.76 -18.19
C ASN H 138 -14.31 45.42 -19.21
N VAL H 139 -15.56 45.62 -18.80
CA VAL H 139 -16.57 46.20 -19.67
C VAL H 139 -16.55 47.71 -19.58
N ASP H 140 -16.47 48.37 -20.74
CA ASP H 140 -16.61 49.81 -20.79
C ASP H 140 -17.88 50.18 -20.02
N PRO H 141 -17.80 51.21 -19.16
CA PRO H 141 -18.88 51.65 -18.27
C PRO H 141 -20.12 52.20 -19.01
N ASP H 142 -19.88 52.88 -20.12
CA ASP H 142 -20.98 53.38 -20.94
C ASP H 142 -21.63 52.23 -21.65
N LYS H 143 -20.82 51.44 -22.36
CA LYS H 143 -21.27 50.16 -22.89
C LYS H 143 -22.00 49.33 -21.83
N LEU H 144 -21.42 49.17 -20.63
CA LEU H 144 -22.08 48.40 -19.59
C LEU H 144 -23.46 48.96 -19.28
N GLN H 145 -23.55 50.29 -19.22
CA GLN H 145 -24.81 50.96 -18.89
C GLN H 145 -25.88 50.66 -19.93
N THR H 146 -25.56 50.88 -21.20
CA THR H 146 -26.46 50.54 -22.31
C THR H 146 -27.04 49.14 -22.15
N CYS H 147 -26.16 48.17 -21.87
CA CYS H 147 -26.55 46.78 -21.68
C CYS H 147 -27.59 46.60 -20.60
N ILE H 148 -27.35 47.17 -19.43
CA ILE H 148 -28.26 47.00 -18.31
C ILE H 148 -29.60 47.72 -18.55
N GLU H 149 -29.59 48.74 -19.40
CA GLU H 149 -30.83 49.46 -19.74
C GLU H 149 -31.65 48.69 -20.76
N VAL H 150 -30.96 48.04 -21.70
CA VAL H 150 -31.60 47.13 -22.65
C VAL H 150 -32.20 45.92 -21.93
N LEU H 151 -31.53 45.44 -20.89
CA LEU H 151 -32.08 44.33 -20.13
C LEU H 151 -33.28 44.79 -19.32
N GLY H 152 -33.20 46.02 -18.82
CA GLY H 152 -34.31 46.60 -18.08
C GLY H 152 -35.56 46.67 -18.95
N GLU H 153 -35.37 47.19 -20.17
CA GLU H 153 -36.44 47.32 -21.15
C GLU H 153 -37.02 45.96 -21.54
N ILE H 154 -36.15 44.95 -21.56
CA ILE H 154 -36.58 43.59 -21.85
C ILE H 154 -37.39 43.00 -20.70
N LEU H 155 -36.94 43.21 -19.47
CA LEU H 155 -37.73 42.79 -18.32
C LEU H 155 -39.02 43.62 -18.23
N LYS H 156 -38.96 44.86 -18.72
CA LYS H 156 -40.12 45.75 -18.63
C LYS H 156 -41.18 45.35 -19.65
N GLY H 157 -40.75 44.80 -20.79
CA GLY H 157 -41.68 44.33 -21.80
C GLY H 157 -42.25 42.95 -21.52
N LYS H 158 -41.74 42.32 -20.48
CA LYS H 158 -42.12 40.95 -20.14
C LYS H 158 -42.81 40.80 -18.78
N THR H 159 -42.89 41.89 -18.02
CA THR H 159 -43.64 41.91 -16.76
C THR H 159 -43.70 43.26 -16.09
N ASP H 160 -44.72 43.42 -15.25
CA ASP H 160 -44.95 44.63 -14.44
C ASP H 160 -44.17 44.66 -13.13
N TYR H 161 -44.07 43.50 -12.49
CA TYR H 161 -43.38 43.38 -11.21
C TYR H 161 -42.18 42.45 -11.38
#